data_8HNM
#
_entry.id   8HNM
#
_cell.length_a   1.00
_cell.length_b   1.00
_cell.length_c   1.00
_cell.angle_alpha   90.00
_cell.angle_beta   90.00
_cell.angle_gamma   90.00
#
_symmetry.space_group_name_H-M   'P 1'
#
loop_
_entity.id
_entity.type
_entity.pdbx_description
1 polymer 'Guanine nucleotide-binding protein G(i) subunit alpha-1'
2 polymer 'Guanine nucleotide-binding protein G(I)/G(S)/G(T) subunit beta-1'
3 polymer 'Guanine nucleotide-binding protein G(I)/G(S)/G(O) subunit gamma-2'
4 polymer 'Soluble cytochrome b562,C-X-C chemokine receptor type 3,Oplophorus-luciferin 2-monooxygenase catalytic subunit'
5 polymer 'single-chain variable fragment scFv16'
6 non-polymer CHOLESTEROL
7 non-polymer [4-(2-bromophenyl)phenyl]methyl-[[(1R,5S)-6,6-dimethyl-2-bicyclo[3.1.1]hept-2-enyl]methyl]-dimethyl-azanium
#
loop_
_entity_poly.entity_id
_entity_poly.type
_entity_poly.pdbx_seq_one_letter_code
_entity_poly.pdbx_strand_id
1 'polypeptide(L)'
;MGCTLSAEDKAAVERSKMIDRNLREDGEKAAREVKLLLLGAGESGKSTIVKQMKIIHEAGYSEEECKQYKAVVYSNTIQS
IIAIIRAMGRLKIDFGDSARADDARQLFVLAGAAEEGFMTAELAGVIKRLWKDSGVQACFNRSREYQLNDSAAYYLNDLD
RIAQPNYIPTQQDVLRTRVKTTGIVETHFTFKDLHFKMFDVGAQRSERKKWIHCFEGVTAIIFCVALSDYDLVLAEDEEM
NRMHESMKLFDSICNNKWFTDTSIILFLNKKDLFEEKIKKSPLTICYPEYAGSNTYEEAAAYIQCQFEDLNKRKDTKEIY
THFTCSTDTKNVQFVFDAVTDVIIKNNLKDCGLF
;
A
2 'polypeptide(L)'
;HHHHHHHHHHLEVLFQGPGSSGSELDQLRQEAEQLKNQIRDARKACADATLSQITNNIDPVGRIQMRTRRTLRGHLAKIY
AMHWGTDSRLLVSASQDGKLIIWDSYTTNKVHAIPLRSSWVMTCAYAPSGNYVACGGLDNICSIYNLKTREGNVRVSREL
AGHTGYLSCCRFLDDNQIVTSSGDTTCALWDIETGQQTTTFTGHTGDVMSLSLAPDTRLFVSGACDASAKLWDVREGMCR
QTFTGHESDINAICFFPNGNAFATGSDDATCRLFDLRADQELMTYSHDNIICGITSVSFSKSGRLLLAGYDDFNCNVWDA
LKADRAGVLAGHDNRVSCLGVTDDGMAVATGSWDSFLKIWNGASGASGASGASVSGWRLFKKIS
;
B
3 'polypeptide(L)' MASNNTASIAQARKLVEQLKMEANIDRIKVSKAAADLMAYCEAHAKEDPLLTPVPASENPFREKKFFCAIL G
4 'polypeptide(L)'
;MKTIIALSYIFCLVFADYKDDDDKGSADLEDNWETLNDNLKVIEKADNAAQVKDALTKMRAAALDAQKATPPKLEDKSPD
SPEMKDFRHGFDILVGQIDDALKLANEGKVKEAQAAAEQLKTTRNAYIQKYLLVPRGSMVLEVSDHQVLNDAEVAALLEN
FSSSYDYGENESDSCCTSPPCPQDFSLNFDRAFLPALYSLLFLLGLLGNGAVAAVLLSRRTALSSTDTFLLHLAVADTLL
VLTLPLWAVDAAVQWVFGSGLCKVAGALFNINFYAGALLLACISFDRYLNIVHATQLYRRGPPARVTLTCLAVWGLCLLF
ALPDFIFLSAHHDERLNATHCQYNFPQVGRTALRVLQLVAGFLLPLLVMAYCYAHILAVLLVSRGQRRLRAMRLVVVVVV
AFALCWTPYHLVVLVDILMDLGALARNCGRESRVDVAKSVTSGLGYMHCCLNPLLYAFVGVKFRERMWMLLLRLGCPNQR
GLQRQPSSSRRDSSWSETSVFTLEDFVGDWEQTAAYNLDQVLEQGGVSSLLQNLAVSVTPIQRIVRSGENALKIDIHVII
PYEGLSADQMAQIEEVFKVVYPVDDHHFKVILPYGTLVIDGVTPNMLNYFGRPYEGIAVFDGKKITVTGTLWNGNKIIDE
RLITPDGSMLFRVTINS
;
R
5 'polypeptide(L)'
;DVQLVESGGGLVQPGGSRKLSCSASGFAFSSFGMHWVRQAPEKGLEWVAYISSGSGTIYYADTVKGRFTISRDDPKNTLF
LQMTSLRSEDTAMYYCVRSIYYYGSSPFDFWGQGTTLTVSSGGGGSGGGGSGGGGSDIVMTQATSSVPVTPGESVSISCR
SSKSLLHSNGNTYLYWFLQRPGQSPQLLIYRMSNLASGVPDRFSGSGSGTAFTLTISRLEAEDVGVYYCMQHLEYPLTFG
AGTKLELKAAAHHHHHHHH
;
S
#
# COMPACT_ATOMS: atom_id res chain seq x y z
N LEU A 5 -6.73 -18.41 21.74
CA LEU A 5 -5.81 -18.26 20.61
C LEU A 5 -5.13 -16.90 20.63
N SER A 6 -5.60 -16.03 21.52
CA SER A 6 -5.04 -14.68 21.66
C SER A 6 -5.39 -14.16 23.03
N ALA A 7 -4.40 -13.58 23.72
CA ALA A 7 -4.60 -13.07 25.07
C ALA A 7 -4.55 -11.54 25.11
N GLU A 8 -3.44 -10.95 24.65
CA GLU A 8 -3.36 -9.52 24.41
C GLU A 8 -2.91 -9.24 22.98
N ASP A 9 -2.93 -10.26 22.12
CA ASP A 9 -2.81 -10.05 20.68
C ASP A 9 -4.11 -9.53 20.08
N LYS A 10 -5.23 -9.69 20.78
CA LYS A 10 -6.48 -9.10 20.33
C LYS A 10 -6.39 -7.58 20.31
N ALA A 11 -5.76 -6.99 21.33
CA ALA A 11 -5.57 -5.55 21.35
C ALA A 11 -4.61 -5.11 20.25
N ALA A 12 -3.59 -5.92 19.94
CA ALA A 12 -2.72 -5.61 18.81
C ALA A 12 -3.48 -5.61 17.50
N VAL A 13 -4.39 -6.59 17.32
CA VAL A 13 -5.20 -6.64 16.11
C VAL A 13 -6.12 -5.43 16.04
N GLU A 14 -6.68 -5.02 17.18
CA GLU A 14 -7.54 -3.84 17.20
C GLU A 14 -6.77 -2.58 16.83
N ARG A 15 -5.53 -2.46 17.34
CA ARG A 15 -4.69 -1.33 16.98
C ARG A 15 -4.37 -1.35 15.49
N SER A 16 -4.10 -2.54 14.94
CA SER A 16 -3.84 -2.65 13.51
C SER A 16 -5.06 -2.23 12.69
N LYS A 17 -6.26 -2.61 13.15
CA LYS A 17 -7.48 -2.22 12.45
C LYS A 17 -7.68 -0.71 12.50
N MET A 18 -7.40 -0.09 13.64
CA MET A 18 -7.49 1.36 13.73
C MET A 18 -6.49 2.03 12.78
N ILE A 19 -5.27 1.48 12.69
CA ILE A 19 -4.28 2.01 11.76
C ILE A 19 -4.78 1.87 10.33
N ASP A 20 -5.40 0.73 10.00
CA ASP A 20 -5.95 0.54 8.66
C ASP A 20 -7.03 1.56 8.35
N ARG A 21 -7.90 1.84 9.33
CA ARG A 21 -8.94 2.84 9.13
C ARG A 21 -8.35 4.22 8.87
N ASN A 22 -7.34 4.60 9.66
CA ASN A 22 -6.68 5.88 9.44
C ASN A 22 -6.02 5.94 8.08
N LEU A 23 -5.37 4.86 7.66
CA LEU A 23 -4.73 4.81 6.35
C LEU A 23 -5.75 4.95 5.24
N ARG A 24 -6.89 4.29 5.36
CA ARG A 24 -7.93 4.38 4.33
C ARG A 24 -8.47 5.80 4.23
N GLU A 25 -8.73 6.44 5.37
CA GLU A 25 -9.23 7.82 5.33
C GLU A 25 -8.21 8.76 4.71
N ASP A 26 -6.94 8.63 5.09
CA ASP A 26 -5.89 9.48 4.52
C ASP A 26 -5.75 9.23 3.02
N GLY A 27 -5.86 7.97 2.59
CA GLY A 27 -5.76 7.66 1.18
C GLY A 27 -6.90 8.26 0.38
N GLU A 28 -8.12 8.20 0.90
CA GLU A 28 -9.24 8.84 0.21
C GLU A 28 -9.04 10.34 0.12
N LYS A 29 -8.62 10.96 1.23
CA LYS A 29 -8.40 12.42 1.21
C LYS A 29 -7.32 12.80 0.21
N ALA A 30 -6.26 12.00 0.12
CA ALA A 30 -5.20 12.29 -0.85
C ALA A 30 -5.68 12.05 -2.28
N ALA A 31 -6.52 11.04 -2.49
CA ALA A 31 -7.01 10.74 -3.82
C ALA A 31 -8.03 11.76 -4.29
N ARG A 32 -8.60 12.55 -3.39
CA ARG A 32 -9.53 13.61 -3.79
C ARG A 32 -8.81 14.92 -4.15
N GLU A 33 -7.53 14.85 -4.54
CA GLU A 33 -6.75 16.01 -4.91
C GLU A 33 -6.22 15.87 -6.32
N VAL A 34 -5.99 17.01 -6.97
CA VAL A 34 -5.42 17.06 -8.32
C VAL A 34 -3.94 17.32 -8.20
N LYS A 35 -3.13 16.56 -8.94
CA LYS A 35 -1.68 16.67 -8.89
C LYS A 35 -1.14 17.01 -10.28
N LEU A 36 -0.34 18.06 -10.36
CA LEU A 36 0.26 18.52 -11.61
C LEU A 36 1.77 18.57 -11.48
N LEU A 37 2.46 18.34 -12.59
CA LEU A 37 3.91 18.34 -12.62
C LEU A 37 4.39 19.50 -13.48
N LEU A 38 4.99 20.52 -12.85
CA LEU A 38 5.46 21.69 -13.57
C LEU A 38 6.85 21.43 -14.14
N LEU A 39 7.03 21.72 -15.43
CA LEU A 39 8.28 21.42 -16.12
C LEU A 39 8.61 22.56 -17.08
N GLY A 40 9.90 22.64 -17.40
CA GLY A 40 10.39 23.66 -18.31
C GLY A 40 11.89 23.73 -18.25
N ALA A 41 12.44 24.58 -19.12
CA ALA A 41 13.87 24.80 -19.18
C ALA A 41 14.26 26.02 -18.35
N GLY A 42 15.54 26.37 -18.40
CA GLY A 42 15.99 27.56 -17.71
C GLY A 42 15.45 28.81 -18.39
N GLU A 43 15.10 29.81 -17.58
CA GLU A 43 14.50 31.06 -18.03
C GLU A 43 13.19 30.85 -18.78
N SER A 44 12.51 29.73 -18.52
CA SER A 44 11.26 29.44 -19.20
C SER A 44 10.15 30.38 -18.77
N GLY A 45 10.13 30.78 -17.50
CA GLY A 45 9.10 31.66 -17.00
C GLY A 45 8.13 30.97 -16.07
N LYS A 46 8.61 30.03 -15.26
CA LYS A 46 7.76 29.36 -14.30
C LYS A 46 7.27 30.29 -13.20
N SER A 47 7.96 31.41 -12.98
CA SER A 47 7.59 32.32 -11.91
C SER A 47 6.20 32.90 -12.13
N THR A 48 5.90 33.33 -13.37
CA THR A 48 4.59 33.91 -13.66
C THR A 48 3.47 32.89 -13.58
N ILE A 49 3.80 31.59 -13.54
CA ILE A 49 2.78 30.56 -13.37
C ILE A 49 2.60 30.20 -11.89
N VAL A 50 3.70 30.07 -11.15
CA VAL A 50 3.61 29.77 -9.72
C VAL A 50 3.21 30.99 -8.90
N LYS A 51 3.19 32.18 -9.49
CA LYS A 51 2.76 33.36 -8.76
C LYS A 51 1.28 33.32 -8.40
N GLN A 52 0.50 32.45 -9.05
CA GLN A 52 -0.90 32.27 -8.71
C GLN A 52 -1.02 31.33 -7.51
N MET A 53 -0.53 31.85 -6.38
CA MET A 53 -0.59 31.08 -5.12
C MET A 53 -1.84 31.54 -4.37
N LYS A 54 -2.57 30.60 -3.81
CA LYS A 54 -3.80 30.89 -3.08
C LYS A 54 -4.00 29.91 -1.92
N ILE A 55 -2.96 29.65 -1.15
CA ILE A 55 -3.10 28.78 0.03
C ILE A 55 -3.43 29.64 1.24
N VAL A 179 9.77 25.97 2.46
CA VAL A 179 10.60 24.87 2.93
C VAL A 179 12.07 25.19 2.66
N LYS A 180 12.97 24.53 3.40
CA LYS A 180 14.40 24.78 3.25
C LYS A 180 15.05 23.85 2.24
N THR A 181 14.46 22.68 2.04
CA THR A 181 15.04 21.67 1.12
C THR A 181 15.01 22.14 -0.32
N THR A 182 16.16 22.08 -0.99
CA THR A 182 16.21 22.40 -2.42
C THR A 182 16.13 21.13 -3.26
N GLY A 183 15.12 20.30 -3.01
CA GLY A 183 14.98 19.06 -3.75
C GLY A 183 13.70 18.99 -4.56
N ILE A 184 12.64 19.61 -4.05
CA ILE A 184 11.34 19.63 -4.73
C ILE A 184 10.49 20.71 -4.08
N VAL A 185 9.64 21.35 -4.87
CA VAL A 185 8.78 22.43 -4.38
C VAL A 185 7.33 22.04 -4.62
N GLU A 186 6.52 22.14 -3.57
CA GLU A 186 5.10 21.79 -3.62
C GLU A 186 4.28 23.06 -3.44
N THR A 187 3.58 23.47 -4.51
CA THR A 187 2.69 24.63 -4.46
C THR A 187 1.25 24.14 -4.33
N HIS A 188 0.58 24.57 -3.27
CA HIS A 188 -0.76 24.09 -2.94
C HIS A 188 -1.74 25.24 -3.08
N PHE A 189 -2.81 25.04 -3.84
CA PHE A 189 -3.82 26.07 -3.98
C PHE A 189 -5.16 25.43 -4.30
N THR A 190 -6.17 26.27 -4.49
CA THR A 190 -7.52 25.80 -4.75
C THR A 190 -8.23 26.77 -5.68
N PHE A 191 -9.23 26.24 -6.39
CA PHE A 191 -9.98 27.03 -7.36
C PHE A 191 -11.30 26.33 -7.63
N LYS A 192 -12.41 27.04 -7.44
CA LYS A 192 -13.75 26.49 -7.63
C LYS A 192 -13.94 25.22 -6.82
N ASP A 193 -13.45 25.23 -5.58
CA ASP A 193 -13.50 24.15 -4.61
C ASP A 193 -12.62 22.97 -5.00
N LEU A 194 -11.97 23.00 -6.15
CA LEU A 194 -11.03 21.96 -6.53
C LEU A 194 -9.66 22.26 -5.93
N HIS A 195 -8.94 21.20 -5.56
CA HIS A 195 -7.68 21.30 -4.84
C HIS A 195 -6.55 20.89 -5.76
N PHE A 196 -5.55 21.76 -5.93
CA PHE A 196 -4.44 21.53 -6.82
C PHE A 196 -3.12 21.54 -6.05
N LYS A 197 -2.27 20.56 -6.33
CA LYS A 197 -0.90 20.50 -5.84
C LYS A 197 0.02 20.39 -7.05
N MET A 198 0.94 21.34 -7.18
CA MET A 198 1.84 21.40 -8.32
C MET A 198 3.27 21.16 -7.82
N PHE A 199 3.96 20.23 -8.48
CA PHE A 199 5.29 19.82 -8.07
C PHE A 199 6.31 20.37 -9.05
N ASP A 200 7.28 21.12 -8.54
CA ASP A 200 8.38 21.65 -9.31
C ASP A 200 9.65 20.91 -8.91
N VAL A 201 10.30 20.29 -9.89
CA VAL A 201 11.47 19.44 -9.65
C VAL A 201 12.67 20.00 -10.40
N GLY A 202 12.74 21.32 -10.52
CA GLY A 202 13.81 21.96 -11.26
C GLY A 202 15.13 22.07 -10.52
N ALA A 203 15.21 21.60 -9.28
CA ALA A 203 16.42 21.68 -8.48
C ALA A 203 17.07 20.31 -8.29
N GLN A 204 17.06 19.49 -9.34
CA GLN A 204 17.64 18.16 -9.32
C GLN A 204 18.85 18.00 -10.22
N ARG A 205 18.86 18.63 -11.37
CA ARG A 205 20.11 18.60 -12.18
C ARG A 205 20.66 17.17 -12.32
N SER A 206 19.81 16.15 -12.24
CA SER A 206 20.26 14.79 -12.50
C SER A 206 19.60 14.27 -13.77
N GLU A 207 19.92 13.03 -14.14
CA GLU A 207 19.27 12.40 -15.28
C GLU A 207 17.79 12.22 -14.96
N ARG A 208 16.93 12.66 -15.89
CA ARG A 208 15.50 12.63 -15.62
C ARG A 208 14.98 11.21 -15.50
N LYS A 209 15.59 10.25 -16.20
CA LYS A 209 15.11 8.88 -16.16
C LYS A 209 15.26 8.25 -14.78
N LYS A 210 16.04 8.85 -13.89
CA LYS A 210 16.24 8.28 -12.56
C LYS A 210 15.07 8.52 -11.63
N TRP A 211 14.38 9.66 -11.78
CA TRP A 211 13.32 10.03 -10.85
C TRP A 211 12.01 10.42 -11.51
N ILE A 212 11.92 10.39 -12.85
CA ILE A 212 10.68 10.79 -13.50
C ILE A 212 9.58 9.77 -13.26
N HIS A 213 9.94 8.50 -13.09
CA HIS A 213 8.93 7.46 -12.90
C HIS A 213 8.14 7.64 -11.61
N CYS A 214 8.64 8.47 -10.70
CA CYS A 214 7.88 8.77 -9.48
C CYS A 214 6.62 9.55 -9.79
N PHE A 215 6.61 10.31 -10.90
CA PHE A 215 5.47 11.14 -11.28
C PHE A 215 4.62 10.49 -12.36
N GLU A 216 4.51 9.16 -12.34
CA GLU A 216 3.76 8.46 -13.39
C GLU A 216 2.28 8.79 -13.32
N GLY A 217 1.72 8.91 -12.12
CA GLY A 217 0.29 9.05 -11.98
C GLY A 217 -0.21 10.48 -11.82
N VAL A 218 0.61 11.46 -12.19
CA VAL A 218 0.16 12.85 -12.10
C VAL A 218 -0.98 13.07 -13.08
N THR A 219 -1.90 13.98 -12.72
CA THR A 219 -3.03 14.27 -13.58
C THR A 219 -2.59 14.91 -14.89
N ALA A 220 -1.66 15.85 -14.84
CA ALA A 220 -1.22 16.52 -16.04
C ALA A 220 0.18 17.11 -15.82
N ILE A 221 0.86 17.36 -16.93
CA ILE A 221 2.12 18.08 -16.95
C ILE A 221 1.83 19.51 -17.39
N ILE A 222 2.54 20.46 -16.82
CA ILE A 222 2.41 21.87 -17.17
C ILE A 222 3.77 22.31 -17.69
N PHE A 223 3.91 22.40 -19.00
CA PHE A 223 5.17 22.71 -19.64
C PHE A 223 5.21 24.20 -19.98
N CYS A 224 6.22 24.91 -19.47
CA CYS A 224 6.36 26.34 -19.70
C CYS A 224 7.45 26.57 -20.75
N VAL A 225 7.10 27.34 -21.78
CA VAL A 225 8.03 27.67 -22.85
C VAL A 225 8.03 29.18 -23.03
N ALA A 226 9.23 29.78 -23.04
CA ALA A 226 9.37 31.21 -23.23
C ALA A 226 9.40 31.54 -24.71
N LEU A 227 8.58 32.49 -25.13
CA LEU A 227 8.52 32.91 -26.52
C LEU A 227 9.57 33.96 -26.88
N SER A 228 10.31 34.48 -25.89
CA SER A 228 11.26 35.56 -26.11
C SER A 228 12.66 35.06 -26.40
N ASP A 229 12.81 33.85 -26.92
CA ASP A 229 14.12 33.31 -27.27
C ASP A 229 14.02 32.21 -28.31
N GLU A 239 20.72 33.63 -30.39
CA GLU A 239 19.89 33.51 -29.18
C GLU A 239 20.21 32.21 -28.44
N MET A 240 21.34 31.60 -28.81
CA MET A 240 21.81 30.36 -28.18
C MET A 240 20.78 29.24 -28.34
N ASN A 241 19.97 29.33 -29.39
CA ASN A 241 18.95 28.35 -29.78
C ASN A 241 18.25 27.74 -28.57
N ARG A 242 17.80 28.61 -27.67
CA ARG A 242 17.09 28.15 -26.48
C ARG A 242 15.79 27.45 -26.85
N MET A 243 15.10 27.97 -27.88
CA MET A 243 13.87 27.32 -28.32
C MET A 243 14.14 25.90 -28.83
N HIS A 244 15.31 25.67 -29.42
CA HIS A 244 15.64 24.32 -29.89
C HIS A 244 15.76 23.35 -28.71
N GLU A 245 16.42 23.76 -27.63
CA GLU A 245 16.53 22.87 -26.47
C GLU A 245 15.19 22.72 -25.77
N SER A 246 14.36 23.77 -25.77
CA SER A 246 13.00 23.63 -25.23
C SER A 246 12.19 22.62 -26.03
N MET A 247 12.31 22.66 -27.36
CA MET A 247 11.61 21.69 -28.20
C MET A 247 12.14 20.28 -27.97
N LYS A 248 13.46 20.15 -27.79
CA LYS A 248 14.04 18.83 -27.52
C LYS A 248 13.52 18.28 -26.19
N LEU A 249 13.46 19.12 -25.16
CA LEU A 249 12.95 18.68 -23.87
C LEU A 249 11.47 18.30 -23.97
N PHE A 250 10.69 19.09 -24.71
CA PHE A 250 9.28 18.77 -24.90
C PHE A 250 9.10 17.43 -25.61
N ASP A 251 9.91 17.19 -26.65
CA ASP A 251 9.82 15.93 -27.38
C ASP A 251 10.21 14.76 -26.49
N SER A 252 11.26 14.92 -25.67
CA SER A 252 11.66 13.85 -24.77
C SER A 252 10.59 13.56 -23.73
N ILE A 253 9.98 14.61 -23.17
CA ILE A 253 9.00 14.42 -22.11
C ILE A 253 7.70 13.83 -22.67
N CYS A 254 7.25 14.33 -23.82
CA CYS A 254 5.97 13.88 -24.37
C CYS A 254 6.01 12.41 -24.76
N ASN A 255 7.12 11.96 -25.36
CA ASN A 255 7.26 10.59 -25.81
C ASN A 255 7.96 9.70 -24.78
N ASN A 256 7.81 10.02 -23.50
CA ASN A 256 8.35 9.18 -22.44
C ASN A 256 7.50 7.95 -22.25
N LYS A 257 8.14 6.85 -21.84
CA LYS A 257 7.43 5.59 -21.65
C LYS A 257 6.48 5.62 -20.47
N TRP A 258 6.60 6.61 -19.58
CA TRP A 258 5.70 6.71 -18.44
C TRP A 258 4.53 7.65 -18.70
N PHE A 259 4.75 8.73 -19.45
CA PHE A 259 3.69 9.69 -19.75
C PHE A 259 3.04 9.38 -21.09
N THR A 260 2.50 8.16 -21.19
CA THR A 260 1.76 7.74 -22.38
C THR A 260 0.29 8.08 -22.30
N ASP A 261 -0.20 8.58 -21.17
CA ASP A 261 -1.60 8.96 -21.01
C ASP A 261 -1.81 10.32 -20.38
N THR A 262 -0.82 10.87 -19.68
CA THR A 262 -0.99 12.17 -19.04
C THR A 262 -0.96 13.28 -20.08
N SER A 263 -1.89 14.23 -19.94
CA SER A 263 -1.97 15.35 -20.86
C SER A 263 -0.92 16.41 -20.53
N ILE A 264 -0.69 17.32 -21.48
CA ILE A 264 0.30 18.38 -21.34
C ILE A 264 -0.41 19.71 -21.57
N ILE A 265 -0.16 20.66 -20.67
CA ILE A 265 -0.68 22.01 -20.76
C ILE A 265 0.50 22.92 -21.11
N LEU A 266 0.49 23.50 -22.29
CA LEU A 266 1.60 24.29 -22.79
C LEU A 266 1.33 25.76 -22.52
N PHE A 267 2.27 26.41 -21.82
CA PHE A 267 2.16 27.82 -21.48
C PHE A 267 3.24 28.59 -22.22
N LEU A 268 2.84 29.36 -23.23
CA LEU A 268 3.77 30.20 -24.00
C LEU A 268 3.85 31.56 -23.29
N ASN A 269 4.94 31.78 -22.58
CA ASN A 269 5.10 32.97 -21.76
C ASN A 269 5.77 34.09 -22.55
N LYS A 270 5.63 35.32 -22.03
CA LYS A 270 6.27 36.51 -22.58
C LYS A 270 5.87 36.73 -24.05
N LYS A 271 4.57 36.93 -24.25
CA LYS A 271 4.08 37.18 -25.61
C LYS A 271 4.39 38.59 -26.07
N ASP A 272 4.33 39.57 -25.17
CA ASP A 272 4.64 40.95 -25.54
C ASP A 272 6.12 41.12 -25.89
N LEU A 273 7.01 40.53 -25.09
CA LEU A 273 8.43 40.59 -25.40
C LEU A 273 8.73 39.89 -26.72
N PHE A 274 8.02 38.78 -26.99
CA PHE A 274 8.17 38.11 -28.28
C PHE A 274 7.68 39.00 -29.41
N GLU A 275 6.60 39.76 -29.18
CA GLU A 275 6.11 40.68 -30.20
C GLU A 275 7.14 41.76 -30.51
N GLU A 276 7.76 42.33 -29.48
CA GLU A 276 8.83 43.31 -29.71
C GLU A 276 10.01 42.67 -30.43
N LYS A 277 10.39 41.45 -30.03
CA LYS A 277 11.51 40.77 -30.68
C LYS A 277 11.24 40.54 -32.15
N ILE A 278 10.04 40.10 -32.50
CA ILE A 278 9.73 39.83 -33.90
C ILE A 278 9.56 41.14 -34.67
N LYS A 279 9.16 42.21 -33.99
CA LYS A 279 9.16 43.52 -34.64
C LYS A 279 10.58 43.99 -34.92
N LYS A 280 11.53 43.60 -34.09
CA LYS A 280 12.94 43.96 -34.30
C LYS A 280 13.66 42.92 -35.15
N SER A 281 13.70 41.67 -34.70
CA SER A 281 14.44 40.61 -35.37
C SER A 281 13.50 39.63 -36.05
N PRO A 282 13.87 39.09 -37.21
CA PRO A 282 13.01 38.11 -37.88
C PRO A 282 13.00 36.78 -37.15
N LEU A 283 11.92 36.04 -37.35
CA LEU A 283 11.80 34.70 -36.76
C LEU A 283 12.69 33.68 -37.46
N THR A 284 13.25 34.01 -38.62
CA THR A 284 14.09 33.08 -39.36
C THR A 284 15.38 32.74 -38.64
N ILE A 285 15.76 33.49 -37.60
CA ILE A 285 16.93 33.14 -36.81
C ILE A 285 16.75 31.79 -36.14
N CYS A 286 15.57 31.55 -35.56
CA CYS A 286 15.31 30.27 -34.93
C CYS A 286 14.87 29.22 -35.95
N TYR A 287 14.00 29.59 -36.88
CA TYR A 287 13.49 28.66 -37.90
C TYR A 287 13.70 29.30 -39.26
N PRO A 288 14.82 29.02 -39.92
CA PRO A 288 15.08 29.61 -41.25
C PRO A 288 14.08 29.19 -42.31
N GLU A 289 13.35 28.09 -42.11
CA GLU A 289 12.41 27.59 -43.09
C GLU A 289 11.03 28.22 -42.97
N TYR A 290 10.90 29.31 -42.21
CA TYR A 290 9.61 29.98 -42.07
C TYR A 290 9.24 30.67 -43.38
N ALA A 291 8.00 30.45 -43.83
CA ALA A 291 7.53 30.99 -45.09
C ALA A 291 6.65 32.23 -44.93
N GLY A 292 5.99 32.40 -43.79
CA GLY A 292 5.09 33.50 -43.59
C GLY A 292 5.81 34.81 -43.31
N SER A 293 5.02 35.86 -43.09
CA SER A 293 5.54 37.18 -42.80
C SER A 293 5.96 37.25 -41.33
N ASN A 294 6.25 38.46 -40.85
CA ASN A 294 6.73 38.66 -39.49
C ASN A 294 5.71 39.49 -38.73
N THR A 295 4.70 38.81 -38.18
CA THR A 295 3.70 39.43 -37.31
C THR A 295 3.44 38.50 -36.14
N TYR A 296 2.92 39.09 -35.05
CA TYR A 296 2.72 38.31 -33.83
C TYR A 296 1.75 37.16 -34.04
N GLU A 297 0.64 37.40 -34.76
CA GLU A 297 -0.40 36.40 -34.89
C GLU A 297 0.11 35.14 -35.57
N GLU A 298 0.57 35.26 -36.81
CA GLU A 298 0.95 34.08 -37.57
C GLU A 298 2.21 33.42 -37.02
N ALA A 299 3.15 34.20 -36.49
CA ALA A 299 4.34 33.60 -35.88
C ALA A 299 3.99 32.80 -34.63
N ALA A 300 3.12 33.35 -33.78
CA ALA A 300 2.69 32.62 -32.60
C ALA A 300 1.92 31.36 -33.00
N ALA A 301 1.07 31.46 -34.02
CA ALA A 301 0.34 30.28 -34.49
C ALA A 301 1.29 29.23 -35.03
N TYR A 302 2.34 29.65 -35.76
CA TYR A 302 3.31 28.71 -36.30
C TYR A 302 4.06 28.00 -35.17
N ILE A 303 4.49 28.74 -34.16
CA ILE A 303 5.18 28.13 -33.03
C ILE A 303 4.27 27.16 -32.30
N GLN A 304 3.01 27.56 -32.08
CA GLN A 304 2.06 26.69 -31.40
C GLN A 304 1.82 25.41 -32.19
N CYS A 305 1.64 25.52 -33.50
CA CYS A 305 1.37 24.34 -34.30
C CYS A 305 2.58 23.44 -34.40
N GLN A 306 3.79 24.01 -34.45
CA GLN A 306 5.00 23.20 -34.45
C GLN A 306 5.15 22.43 -33.14
N PHE A 307 4.89 23.09 -32.01
CA PHE A 307 4.95 22.40 -30.72
C PHE A 307 3.89 21.31 -30.64
N GLU A 308 2.69 21.58 -31.15
CA GLU A 308 1.63 20.57 -31.16
C GLU A 308 2.03 19.38 -32.03
N ASP A 309 2.62 19.63 -33.19
CA ASP A 309 3.04 18.56 -34.08
C ASP A 309 4.26 17.81 -33.55
N LEU A 310 4.97 18.39 -32.58
CA LEU A 310 6.07 17.65 -31.94
C LEU A 310 5.57 16.41 -31.22
N ASN A 311 4.28 16.36 -30.88
CA ASN A 311 3.70 15.15 -30.32
C ASN A 311 3.73 14.03 -31.34
N LYS A 312 4.00 12.80 -30.87
CA LYS A 312 4.11 11.66 -31.75
C LYS A 312 3.04 10.60 -31.50
N ARG A 313 2.00 10.92 -30.73
CA ARG A 313 0.90 9.99 -30.49
C ARG A 313 -0.40 10.48 -31.09
N LYS A 314 -0.87 11.67 -30.69
CA LYS A 314 -2.07 12.32 -31.21
C LYS A 314 -3.32 11.45 -31.12
N ASP A 315 -3.30 10.39 -30.32
CA ASP A 315 -4.43 9.48 -30.21
C ASP A 315 -4.81 9.12 -28.78
N THR A 316 -3.88 9.20 -27.82
CA THR A 316 -4.17 8.88 -26.43
C THR A 316 -3.94 10.04 -25.48
N LYS A 317 -3.27 11.11 -25.91
CA LYS A 317 -3.05 12.27 -25.06
C LYS A 317 -3.33 13.53 -25.87
N GLU A 318 -3.71 14.59 -25.16
CA GLU A 318 -4.01 15.87 -25.77
C GLU A 318 -3.05 16.92 -25.23
N ILE A 319 -2.83 17.96 -26.04
CA ILE A 319 -1.98 19.09 -25.66
C ILE A 319 -2.85 20.33 -25.66
N TYR A 320 -2.99 20.96 -24.49
CA TYR A 320 -3.75 22.19 -24.34
C TYR A 320 -2.78 23.36 -24.27
N THR A 321 -2.97 24.35 -25.13
CA THR A 321 -2.06 25.47 -25.25
C THR A 321 -2.74 26.77 -24.87
N HIS A 322 -2.01 27.61 -24.14
CA HIS A 322 -2.49 28.92 -23.74
C HIS A 322 -1.34 29.92 -23.83
N PHE A 323 -1.67 31.15 -24.21
CA PHE A 323 -0.73 32.26 -24.24
C PHE A 323 -0.92 33.06 -22.96
N THR A 324 0.07 33.01 -22.07
CA THR A 324 -0.09 33.59 -20.74
C THR A 324 -0.33 35.10 -20.83
N CYS A 325 -1.38 35.55 -20.15
CA CYS A 325 -1.78 36.94 -20.15
C CYS A 325 -1.59 37.55 -18.77
N SER A 326 -1.69 38.88 -18.70
CA SER A 326 -1.47 39.59 -17.45
C SER A 326 -2.56 39.33 -16.42
N THR A 327 -3.75 38.91 -16.85
CA THR A 327 -4.82 38.63 -15.91
C THR A 327 -4.51 37.36 -15.12
N ASP A 328 -4.61 37.46 -13.80
CA ASP A 328 -4.26 36.35 -12.92
C ASP A 328 -5.31 35.25 -12.90
N THR A 329 -6.51 35.50 -13.42
CA THR A 329 -7.59 34.53 -13.35
C THR A 329 -7.74 33.71 -14.63
N LYS A 330 -7.36 34.25 -15.78
CA LYS A 330 -7.53 33.53 -17.03
C LYS A 330 -6.67 32.28 -17.09
N ASN A 331 -5.42 32.38 -16.60
CA ASN A 331 -4.53 31.21 -16.62
C ASN A 331 -5.08 30.10 -15.73
N VAL A 332 -5.55 30.46 -14.53
CA VAL A 332 -6.10 29.45 -13.63
C VAL A 332 -7.38 28.86 -14.21
N GLN A 333 -8.20 29.68 -14.88
CA GLN A 333 -9.40 29.17 -15.52
C GLN A 333 -9.06 28.19 -16.63
N PHE A 334 -8.04 28.49 -17.42
CA PHE A 334 -7.61 27.56 -18.48
C PHE A 334 -7.10 26.26 -17.88
N VAL A 335 -6.32 26.35 -16.79
CA VAL A 335 -5.84 25.15 -16.12
C VAL A 335 -7.01 24.32 -15.60
N PHE A 336 -8.01 24.99 -15.01
CA PHE A 336 -9.18 24.29 -14.50
C PHE A 336 -9.94 23.59 -15.63
N ASP A 337 -10.11 24.28 -16.77
CA ASP A 337 -10.82 23.67 -17.89
C ASP A 337 -10.07 22.45 -18.43
N ALA A 338 -8.74 22.56 -18.58
CA ALA A 338 -7.96 21.43 -19.05
C ALA A 338 -8.01 20.27 -18.08
N VAL A 339 -7.94 20.55 -16.78
CA VAL A 339 -8.01 19.50 -15.78
C VAL A 339 -9.38 18.83 -15.80
N THR A 340 -10.45 19.62 -15.97
CA THR A 340 -11.78 19.05 -16.07
C THR A 340 -11.91 18.13 -17.28
N ASP A 341 -11.36 18.56 -18.42
CA ASP A 341 -11.40 17.71 -19.61
C ASP A 341 -10.62 16.42 -19.39
N VAL A 342 -9.45 16.50 -18.76
CA VAL A 342 -8.65 15.31 -18.48
C VAL A 342 -9.41 14.37 -17.55
N ILE A 343 -10.07 14.92 -16.53
CA ILE A 343 -10.84 14.10 -15.61
C ILE A 343 -11.99 13.41 -16.33
N ILE A 344 -12.65 14.13 -17.23
CA ILE A 344 -13.77 13.54 -17.99
C ILE A 344 -13.26 12.39 -18.86
N LYS A 345 -12.12 12.58 -19.53
CA LYS A 345 -11.58 11.50 -20.36
C LYS A 345 -11.17 10.29 -19.51
N ASN A 346 -10.56 10.55 -18.35
CA ASN A 346 -10.17 9.45 -17.47
C ASN A 346 -11.39 8.68 -16.97
N ASN A 347 -12.46 9.40 -16.63
CA ASN A 347 -13.69 8.74 -16.21
C ASN A 347 -14.33 7.98 -17.35
N LEU A 348 -14.25 8.49 -18.57
CA LEU A 348 -14.73 7.74 -19.74
C LEU A 348 -13.98 6.43 -19.88
N LYS A 349 -12.66 6.46 -19.71
CA LYS A 349 -11.89 5.22 -19.77
C LYS A 349 -12.26 4.28 -18.63
N ASP A 350 -12.47 4.81 -17.42
CA ASP A 350 -12.78 3.98 -16.27
C ASP A 350 -14.14 3.30 -16.42
N CYS A 351 -15.13 4.02 -16.95
CA CYS A 351 -16.48 3.50 -17.06
C CYS A 351 -16.67 2.55 -18.24
N GLY A 352 -15.60 2.26 -18.99
CA GLY A 352 -15.72 1.37 -20.12
C GLY A 352 -16.32 1.98 -21.36
N LEU A 353 -16.49 3.29 -21.40
CA LEU A 353 -17.04 3.96 -22.58
C LEU A 353 -15.98 4.25 -23.64
N PHE A 354 -14.73 3.92 -23.38
CA PHE A 354 -13.68 4.05 -24.39
C PHE A 354 -13.00 2.70 -24.61
N ASP B 26 47.60 18.14 -18.64
CA ASP B 26 48.29 18.11 -19.92
C ASP B 26 48.43 16.68 -20.42
N GLN B 27 49.62 16.10 -20.22
CA GLN B 27 49.90 14.73 -20.62
C GLN B 27 49.63 13.72 -19.51
N LEU B 28 49.04 14.16 -18.40
CA LEU B 28 48.77 13.25 -17.29
C LEU B 28 47.76 12.17 -17.66
N ARG B 29 47.01 12.35 -18.74
CA ARG B 29 46.13 11.29 -19.22
C ARG B 29 46.92 10.08 -19.66
N GLN B 30 48.13 10.29 -20.23
CA GLN B 30 48.97 9.17 -20.61
C GLN B 30 49.39 8.35 -19.40
N GLU B 31 49.75 9.02 -18.30
CA GLU B 31 50.13 8.29 -17.09
C GLU B 31 48.94 7.54 -16.52
N ALA B 32 47.75 8.14 -16.55
CA ALA B 32 46.56 7.44 -16.08
C ALA B 32 46.26 6.21 -16.92
N GLU B 33 46.40 6.33 -18.25
CA GLU B 33 46.18 5.17 -19.10
C GLU B 33 47.22 4.09 -18.87
N GLN B 34 48.48 4.49 -18.65
CA GLN B 34 49.52 3.51 -18.35
C GLN B 34 49.23 2.77 -17.05
N LEU B 35 48.79 3.51 -16.02
CA LEU B 35 48.44 2.87 -14.75
C LEU B 35 47.24 1.95 -14.91
N LYS B 36 46.25 2.35 -15.72
CA LYS B 36 45.11 1.48 -15.98
C LYS B 36 45.54 0.20 -16.68
N ASN B 37 46.43 0.31 -17.66
CA ASN B 37 46.94 -0.88 -18.35
C ASN B 37 47.71 -1.78 -17.39
N GLN B 38 48.50 -1.18 -16.50
CA GLN B 38 49.23 -1.97 -15.51
C GLN B 38 48.27 -2.70 -14.57
N ILE B 39 47.19 -2.02 -14.16
CA ILE B 39 46.20 -2.66 -13.30
C ILE B 39 45.53 -3.81 -14.03
N ARG B 40 45.18 -3.61 -15.31
CA ARG B 40 44.56 -4.69 -16.08
C ARG B 40 45.48 -5.88 -16.21
N ASP B 41 46.76 -5.64 -16.48
CA ASP B 41 47.72 -6.73 -16.60
C ASP B 41 47.90 -7.45 -15.26
N ALA B 42 47.94 -6.70 -14.15
CA ALA B 42 48.04 -7.33 -12.85
C ALA B 42 46.83 -8.19 -12.55
N ARG B 43 45.64 -7.72 -12.90
CA ARG B 43 44.44 -8.53 -12.73
C ARG B 43 44.49 -9.78 -13.59
N LYS B 44 44.97 -9.65 -14.82
CA LYS B 44 45.06 -10.82 -15.71
C LYS B 44 46.05 -11.85 -15.18
N ALA B 45 47.15 -11.38 -14.57
CA ALA B 45 48.21 -12.29 -14.13
C ALA B 45 47.78 -13.21 -13.00
N CYS B 46 46.67 -12.90 -12.32
CA CYS B 46 46.18 -13.71 -11.22
C CYS B 46 44.81 -14.31 -11.53
N ALA B 47 44.60 -14.68 -12.80
CA ALA B 47 43.33 -15.24 -13.25
C ALA B 47 43.52 -16.63 -13.82
N ASP B 48 44.23 -17.50 -13.07
CA ASP B 48 44.61 -18.80 -13.61
C ASP B 48 43.40 -19.64 -13.99
N ALA B 49 42.38 -19.68 -13.14
CA ALA B 49 41.18 -20.48 -13.37
C ALA B 49 39.95 -19.62 -13.21
N THR B 50 38.78 -20.24 -13.39
CA THR B 50 37.50 -19.58 -13.21
C THR B 50 36.67 -20.36 -12.19
N LEU B 51 35.78 -19.65 -11.50
CA LEU B 51 34.96 -20.29 -10.48
C LEU B 51 34.02 -21.33 -11.10
N SER B 52 33.58 -21.11 -12.33
CA SER B 52 32.72 -22.09 -13.00
C SER B 52 33.44 -23.41 -13.20
N GLN B 53 34.71 -23.36 -13.63
CA GLN B 53 35.47 -24.59 -13.83
C GLN B 53 35.65 -25.34 -12.51
N ILE B 54 35.93 -24.60 -11.43
CA ILE B 54 36.16 -25.25 -10.14
C ILE B 54 34.86 -25.84 -9.59
N THR B 55 33.73 -25.17 -9.81
CA THR B 55 32.45 -25.62 -9.30
C THR B 55 31.71 -26.56 -10.23
N ASN B 56 32.26 -26.86 -11.41
CA ASN B 56 31.61 -27.80 -12.32
C ASN B 56 31.39 -29.17 -11.67
N ASN B 57 32.21 -29.53 -10.67
CA ASN B 57 32.06 -30.80 -9.99
C ASN B 57 31.05 -30.76 -8.85
N ILE B 58 30.58 -29.58 -8.47
CA ILE B 58 29.64 -29.44 -7.35
C ILE B 58 28.26 -29.91 -7.79
N ASP B 59 27.62 -30.71 -6.94
CA ASP B 59 26.29 -31.21 -7.24
C ASP B 59 25.29 -30.05 -7.29
N PRO B 60 24.46 -29.94 -8.32
CA PRO B 60 23.53 -28.83 -8.42
C PRO B 60 22.41 -28.94 -7.41
N VAL B 61 21.84 -27.79 -7.07
CA VAL B 61 20.66 -27.73 -6.20
C VAL B 61 19.42 -28.02 -7.04
N GLY B 62 18.38 -28.50 -6.37
CA GLY B 62 17.14 -28.84 -7.05
C GLY B 62 16.33 -27.60 -7.39
N ARG B 63 15.16 -27.84 -7.96
CA ARG B 63 14.24 -26.75 -8.29
C ARG B 63 13.74 -26.12 -7.00
N ILE B 64 14.25 -24.93 -6.68
CA ILE B 64 13.89 -24.25 -5.44
C ILE B 64 12.45 -23.77 -5.57
N GLN B 65 11.54 -24.43 -4.86
CA GLN B 65 10.12 -24.08 -4.87
C GLN B 65 9.80 -23.28 -3.61
N MET B 66 9.39 -22.04 -3.79
CA MET B 66 9.04 -21.15 -2.69
C MET B 66 7.57 -20.78 -2.79
N ARG B 67 6.89 -20.74 -1.65
CA ARG B 67 5.47 -20.43 -1.59
C ARG B 67 5.25 -19.17 -0.78
N THR B 68 4.21 -18.42 -1.16
CA THR B 68 3.83 -17.20 -0.46
C THR B 68 3.10 -17.57 0.82
N ARG B 69 3.61 -17.11 1.96
CA ARG B 69 2.99 -17.36 3.26
C ARG B 69 2.10 -16.20 3.69
N ARG B 70 2.58 -14.97 3.57
CA ARG B 70 1.83 -13.79 3.98
C ARG B 70 1.84 -12.75 2.87
N THR B 71 0.76 -11.98 2.81
CA THR B 71 0.66 -10.83 1.92
C THR B 71 0.26 -9.63 2.76
N LEU B 72 1.06 -8.57 2.71
CA LEU B 72 0.86 -7.38 3.53
C LEU B 72 0.17 -6.31 2.68
N ARG B 73 -1.03 -5.93 3.08
CA ARG B 73 -1.82 -4.93 2.37
C ARG B 73 -2.03 -3.71 3.25
N GLY B 74 -2.18 -2.56 2.60
CA GLY B 74 -2.37 -1.31 3.32
C GLY B 74 -1.69 -0.13 2.66
N HIS B 75 -0.72 -0.39 1.79
CA HIS B 75 -0.12 0.67 1.00
C HIS B 75 -1.00 0.98 -0.20
N LEU B 76 -1.15 2.27 -0.50
CA LEU B 76 -2.02 2.73 -1.57
C LEU B 76 -1.24 3.34 -2.73
N ALA B 77 0.06 3.08 -2.80
CA ALA B 77 0.91 3.59 -3.88
C ALA B 77 2.07 2.62 -4.04
N LYS B 78 2.96 2.95 -4.97
CA LYS B 78 4.12 2.11 -5.22
C LYS B 78 4.99 1.99 -3.98
N ILE B 79 5.37 0.77 -3.63
CA ILE B 79 6.28 0.52 -2.52
C ILE B 79 7.70 0.62 -3.06
N TYR B 80 8.47 1.56 -2.52
CA TYR B 80 9.76 1.87 -3.11
C TYR B 80 10.93 1.23 -2.39
N ALA B 81 10.82 1.00 -1.09
CA ALA B 81 11.89 0.33 -0.34
C ALA B 81 11.29 -0.37 0.86
N MET B 82 12.04 -1.35 1.36
CA MET B 82 11.68 -2.05 2.59
C MET B 82 12.95 -2.64 3.17
N HIS B 83 12.90 -2.91 4.48
CA HIS B 83 14.07 -3.42 5.18
C HIS B 83 13.63 -4.28 6.35
N TRP B 84 14.36 -5.38 6.57
CA TRP B 84 14.06 -6.28 7.68
C TRP B 84 14.68 -5.79 8.97
N GLY B 85 14.06 -6.16 10.09
CA GLY B 85 14.68 -5.96 11.38
C GLY B 85 15.68 -7.05 11.70
N THR B 86 16.53 -6.77 12.68
CA THR B 86 17.55 -7.74 13.09
C THR B 86 16.94 -8.94 13.81
N ASP B 87 15.72 -8.81 14.32
CA ASP B 87 15.03 -9.94 14.95
C ASP B 87 14.30 -10.81 13.94
N SER B 88 14.32 -10.45 12.65
CA SER B 88 13.73 -11.24 11.58
C SER B 88 12.22 -11.40 11.74
N ARG B 89 11.58 -10.45 12.40
CA ARG B 89 10.13 -10.49 12.56
C ARG B 89 9.46 -9.20 12.13
N LEU B 90 10.07 -8.05 12.42
CA LEU B 90 9.50 -6.75 12.09
C LEU B 90 10.19 -6.18 10.87
N LEU B 91 9.41 -5.54 9.99
CA LEU B 91 9.99 -4.94 8.80
C LEU B 91 9.34 -3.60 8.50
N VAL B 92 10.14 -2.65 8.04
CA VAL B 92 9.65 -1.33 7.65
C VAL B 92 9.43 -1.31 6.14
N SER B 93 8.44 -0.54 5.70
CA SER B 93 8.09 -0.47 4.29
C SER B 93 7.68 0.96 3.96
N ALA B 94 8.35 1.55 2.97
CA ALA B 94 8.14 2.93 2.57
C ALA B 94 7.42 2.97 1.22
N SER B 95 6.38 3.79 1.13
CA SER B 95 5.61 3.90 -0.09
C SER B 95 5.44 5.37 -0.47
N GLN B 96 4.99 5.58 -1.70
CA GLN B 96 4.89 6.92 -2.28
C GLN B 96 3.67 7.70 -1.80
N ASP B 97 2.79 7.09 -1.03
CA ASP B 97 1.69 7.83 -0.40
C ASP B 97 2.12 8.50 0.90
N GLY B 98 3.42 8.69 1.10
CA GLY B 98 3.92 9.28 2.33
C GLY B 98 3.71 8.41 3.55
N LYS B 99 3.98 7.11 3.45
CA LYS B 99 3.78 6.19 4.55
C LYS B 99 5.02 5.33 4.76
N LEU B 100 5.32 5.06 6.03
CA LEU B 100 6.49 4.33 6.48
C LEU B 100 6.06 3.18 7.40
N ILE B 101 5.15 2.35 6.91
CA ILE B 101 4.47 1.39 7.76
C ILE B 101 5.44 0.33 8.26
N ILE B 102 5.42 0.07 9.57
CA ILE B 102 6.23 -0.97 10.19
C ILE B 102 5.29 -2.12 10.56
N TRP B 103 5.55 -3.29 9.96
CA TRP B 103 4.72 -4.47 10.08
C TRP B 103 5.38 -5.53 10.95
N ASP B 104 4.54 -6.29 11.65
CA ASP B 104 4.93 -7.55 12.27
C ASP B 104 4.60 -8.66 11.27
N SER B 105 5.64 -9.31 10.74
CA SER B 105 5.44 -10.21 9.61
C SER B 105 4.75 -11.51 10.02
N TYR B 106 4.92 -11.93 11.28
CA TYR B 106 4.34 -13.21 11.70
C TYR B 106 2.82 -13.18 11.65
N THR B 107 2.21 -12.08 12.09
CA THR B 107 0.77 -11.96 12.14
C THR B 107 0.20 -10.91 11.19
N THR B 108 1.04 -10.31 10.34
CA THR B 108 0.64 -9.27 9.40
C THR B 108 -0.03 -8.08 10.11
N ASN B 109 0.40 -7.80 11.33
CA ASN B 109 -0.14 -6.68 12.10
C ASN B 109 0.70 -5.44 11.86
N LYS B 110 0.03 -4.32 11.62
CA LYS B 110 0.72 -3.04 11.44
C LYS B 110 1.11 -2.51 12.81
N VAL B 111 2.39 -2.69 13.17
CA VAL B 111 2.86 -2.19 14.45
C VAL B 111 2.85 -0.67 14.46
N HIS B 112 3.33 -0.04 13.39
CA HIS B 112 3.40 1.41 13.34
C HIS B 112 3.03 1.91 11.96
N ALA B 113 2.57 3.15 11.91
CA ALA B 113 2.31 3.85 10.64
C ALA B 113 2.80 5.28 10.78
N ILE B 114 3.87 5.61 10.07
CA ILE B 114 4.54 6.90 10.18
C ILE B 114 4.23 7.71 8.93
N PRO B 115 3.68 8.92 9.07
CA PRO B 115 3.47 9.78 7.91
C PRO B 115 4.67 10.69 7.65
N LEU B 116 5.03 10.81 6.38
CA LEU B 116 6.20 11.55 5.96
C LEU B 116 5.80 12.92 5.44
N ARG B 117 6.62 13.93 5.76
CA ARG B 117 6.37 15.28 5.26
C ARG B 117 6.49 15.33 3.74
N SER B 118 7.46 14.63 3.19
CA SER B 118 7.63 14.52 1.74
C SER B 118 7.26 13.11 1.32
N SER B 119 6.27 13.01 0.42
CA SER B 119 5.79 11.71 -0.03
C SER B 119 6.69 11.07 -1.07
N TRP B 120 7.70 11.77 -1.57
CA TRP B 120 8.62 11.24 -2.57
C TRP B 120 9.77 10.57 -1.85
N VAL B 121 9.59 9.29 -1.54
CA VAL B 121 10.56 8.49 -0.80
C VAL B 121 11.15 7.45 -1.75
N MET B 122 12.47 7.28 -1.67
CA MET B 122 13.16 6.30 -2.48
C MET B 122 13.91 5.25 -1.68
N THR B 123 14.05 5.42 -0.36
CA THR B 123 14.79 4.48 0.44
C THR B 123 14.27 4.50 1.87
N CYS B 124 14.57 3.43 2.60
CA CYS B 124 14.24 3.32 4.01
C CYS B 124 15.18 2.30 4.64
N ALA B 125 15.44 2.47 5.93
CA ALA B 125 16.34 1.59 6.65
C ALA B 125 15.81 1.35 8.06
N TYR B 126 16.28 0.26 8.66
CA TYR B 126 15.90 -0.13 10.01
C TYR B 126 17.15 -0.26 10.85
N ALA B 127 17.16 0.37 12.01
CA ALA B 127 18.33 0.34 12.87
C ALA B 127 18.58 -1.07 13.39
N PRO B 128 19.84 -1.45 13.57
CA PRO B 128 20.13 -2.80 14.10
C PRO B 128 19.51 -3.06 15.47
N SER B 129 19.48 -2.04 16.33
CA SER B 129 18.84 -2.19 17.63
C SER B 129 17.32 -2.15 17.53
N GLY B 130 16.79 -1.40 16.56
CA GLY B 130 15.36 -1.29 16.36
C GLY B 130 14.71 -0.06 16.96
N ASN B 131 15.49 0.84 17.55
CA ASN B 131 14.93 2.03 18.16
C ASN B 131 14.68 3.16 17.16
N TYR B 132 15.26 3.07 15.96
CA TYR B 132 15.15 4.14 14.98
C TYR B 132 14.86 3.58 13.61
N VAL B 133 14.26 4.42 12.76
CA VAL B 133 14.11 4.13 11.34
C VAL B 133 14.59 5.34 10.56
N ALA B 134 14.91 5.11 9.28
CA ALA B 134 15.43 6.16 8.42
C ALA B 134 14.61 6.25 7.15
N CYS B 135 14.55 7.45 6.58
CA CYS B 135 13.76 7.71 5.38
C CYS B 135 14.47 8.77 4.56
N GLY B 136 14.22 8.76 3.26
CA GLY B 136 14.83 9.75 2.38
C GLY B 136 14.29 9.62 0.97
N GLY B 137 14.52 10.66 0.18
CA GLY B 137 14.04 10.65 -1.18
C GLY B 137 14.39 11.87 -1.99
N LEU B 138 13.40 12.41 -2.72
CA LEU B 138 13.62 13.54 -3.62
C LEU B 138 13.86 14.85 -2.89
N ASP B 139 13.67 14.90 -1.58
CA ASP B 139 13.87 16.12 -0.81
C ASP B 139 15.30 16.29 -0.32
N ASN B 140 16.21 15.38 -0.67
CA ASN B 140 17.63 15.47 -0.34
C ASN B 140 17.88 15.48 1.16
N ILE B 141 16.97 14.92 1.95
CA ILE B 141 17.07 14.92 3.41
C ILE B 141 16.87 13.50 3.92
N CYS B 142 17.71 13.11 4.88
CA CYS B 142 17.56 11.83 5.55
C CYS B 142 16.92 12.08 6.92
N SER B 143 15.71 11.58 7.11
CA SER B 143 14.95 11.75 8.33
C SER B 143 15.10 10.51 9.20
N ILE B 144 15.46 10.71 10.46
CA ILE B 144 15.60 9.64 11.44
C ILE B 144 14.46 9.78 12.43
N TYR B 145 13.65 8.72 12.54
CA TYR B 145 12.48 8.69 13.39
C TYR B 145 12.74 7.77 14.58
N ASN B 146 12.38 8.22 15.78
CA ASN B 146 12.55 7.45 17.00
C ASN B 146 11.27 6.67 17.27
N LEU B 147 11.39 5.34 17.35
CA LEU B 147 10.22 4.49 17.52
C LEU B 147 9.82 4.33 18.98
N LYS B 148 10.76 4.43 19.91
CA LYS B 148 10.54 4.11 21.31
C LYS B 148 10.64 5.38 22.14
N THR B 149 9.50 6.07 22.28
CA THR B 149 9.40 7.28 23.08
C THR B 149 8.39 7.08 24.20
N ARG B 150 8.49 7.93 25.22
CA ARG B 150 7.58 7.84 26.37
C ARG B 150 6.22 8.44 26.08
N GLU B 151 6.09 9.17 24.97
CA GLU B 151 4.80 9.84 24.63
C GLU B 151 3.87 8.83 23.94
N GLY B 152 4.41 7.70 23.49
CA GLY B 152 3.60 6.70 22.81
C GLY B 152 3.43 6.90 21.33
N ASN B 153 4.09 7.89 20.73
CA ASN B 153 4.01 8.12 19.30
C ASN B 153 5.41 8.22 18.71
N VAL B 154 5.50 7.93 17.42
CA VAL B 154 6.76 8.03 16.69
C VAL B 154 6.92 9.46 16.21
N ARG B 155 8.02 10.10 16.61
CA ARG B 155 8.32 11.46 16.23
C ARG B 155 9.69 11.53 15.56
N VAL B 156 9.83 12.43 14.61
CA VAL B 156 11.10 12.57 13.88
C VAL B 156 12.14 13.15 14.82
N SER B 157 13.27 12.45 14.93
CA SER B 157 14.34 12.86 15.84
C SER B 157 15.48 13.59 15.15
N ARG B 158 15.70 13.34 13.86
CA ARG B 158 16.78 14.00 13.15
C ARG B 158 16.37 14.24 11.71
N GLU B 159 16.94 15.28 11.11
CA GLU B 159 16.60 15.71 9.75
C GLU B 159 17.86 16.01 8.95
N LEU B 160 18.80 15.05 8.93
CA LEU B 160 20.10 15.26 8.32
C LEU B 160 19.97 15.82 6.91
N ALA B 161 20.67 16.93 6.66
CA ALA B 161 20.62 17.59 5.36
C ALA B 161 22.03 18.03 4.98
N GLY B 162 22.24 18.20 3.67
CA GLY B 162 23.54 18.58 3.16
C GLY B 162 23.85 17.96 1.81
N HIS B 163 23.14 16.88 1.47
CA HIS B 163 23.25 16.30 0.15
C HIS B 163 22.56 17.19 -0.86
N THR B 164 23.15 17.33 -2.05
CA THR B 164 22.60 18.22 -3.06
C THR B 164 21.59 17.51 -3.96
N GLY B 165 21.84 16.23 -4.28
CA GLY B 165 20.90 15.44 -5.05
C GLY B 165 20.01 14.58 -4.16
N TYR B 166 19.14 13.83 -4.83
CA TYR B 166 18.21 12.94 -4.13
C TYR B 166 18.98 11.80 -3.44
N LEU B 167 18.39 11.31 -2.35
CA LEU B 167 18.98 10.21 -1.60
C LEU B 167 18.51 8.88 -2.19
N SER B 168 19.47 8.00 -2.51
CA SER B 168 19.13 6.72 -3.11
C SER B 168 19.21 5.56 -2.13
N CYS B 169 19.99 5.68 -1.05
CA CYS B 169 20.10 4.60 -0.08
C CYS B 169 20.56 5.17 1.25
N CYS B 170 20.38 4.37 2.30
CA CYS B 170 20.80 4.76 3.65
C CYS B 170 20.89 3.49 4.49
N ARG B 171 21.90 3.44 5.35
CA ARG B 171 22.14 2.26 6.18
C ARG B 171 22.71 2.68 7.52
N PHE B 172 22.10 2.19 8.60
CA PHE B 172 22.59 2.48 9.94
C PHE B 172 23.85 1.69 10.24
N LEU B 173 24.75 2.31 11.03
CA LEU B 173 25.94 1.61 11.52
C LEU B 173 25.80 1.18 12.96
N ASP B 174 25.65 2.13 13.89
CA ASP B 174 25.62 1.82 15.31
C ASP B 174 24.63 2.70 16.06
N ASP B 175 23.48 2.99 15.44
CA ASP B 175 22.41 3.81 15.98
C ASP B 175 22.79 5.28 16.13
N ASN B 176 24.04 5.65 15.84
CA ASN B 176 24.45 7.04 15.85
C ASN B 176 25.23 7.45 14.61
N GLN B 177 25.64 6.50 13.78
CA GLN B 177 26.30 6.78 12.52
C GLN B 177 25.47 6.17 11.38
N ILE B 178 25.32 6.94 10.31
CA ILE B 178 24.52 6.48 9.17
C ILE B 178 25.23 6.84 7.87
N VAL B 179 25.25 5.90 6.93
CA VAL B 179 25.83 6.11 5.62
C VAL B 179 24.72 6.33 4.62
N THR B 180 24.80 7.42 3.86
CA THR B 180 23.78 7.78 2.88
C THR B 180 24.44 8.06 1.54
N SER B 181 23.93 7.43 0.49
CA SER B 181 24.38 7.69 -0.88
C SER B 181 23.36 8.59 -1.56
N SER B 182 23.85 9.56 -2.33
CA SER B 182 22.95 10.53 -2.95
C SER B 182 23.14 10.55 -4.46
N GLY B 183 22.24 11.25 -5.13
CA GLY B 183 22.25 11.39 -6.57
C GLY B 183 23.20 12.44 -7.11
N ASP B 184 23.95 13.11 -6.24
CA ASP B 184 25.00 14.04 -6.66
C ASP B 184 26.37 13.38 -6.71
N THR B 185 26.40 12.07 -7.02
CA THR B 185 27.65 11.32 -7.22
C THR B 185 28.52 11.33 -5.98
N THR B 186 27.90 11.14 -4.81
CA THR B 186 28.66 11.14 -3.57
C THR B 186 27.95 10.30 -2.52
N CYS B 187 28.71 9.96 -1.48
CA CYS B 187 28.20 9.30 -0.29
C CYS B 187 28.67 10.09 0.93
N ALA B 188 28.01 9.86 2.06
CA ALA B 188 28.37 10.57 3.27
C ALA B 188 28.15 9.67 4.48
N LEU B 189 28.95 9.90 5.51
CA LEU B 189 28.80 9.26 6.81
C LEU B 189 28.49 10.34 7.83
N TRP B 190 27.32 10.24 8.46
CA TRP B 190 26.80 11.24 9.36
C TRP B 190 26.80 10.73 10.80
N ASP B 191 27.12 11.62 11.72
CA ASP B 191 26.91 11.41 13.15
C ASP B 191 25.55 11.99 13.51
N ILE B 192 24.62 11.13 13.91
CA ILE B 192 23.22 11.53 14.04
C ILE B 192 23.04 12.54 15.17
N GLU B 193 23.71 12.31 16.31
CA GLU B 193 23.49 13.17 17.46
C GLU B 193 23.92 14.61 17.19
N THR B 194 24.85 14.82 16.26
CA THR B 194 25.30 16.16 15.91
C THR B 194 24.58 16.70 14.67
N GLY B 195 24.40 15.86 13.65
CA GLY B 195 23.73 16.26 12.44
C GLY B 195 24.63 16.71 11.31
N GLN B 196 25.94 16.50 11.42
CA GLN B 196 26.89 16.93 10.41
C GLN B 196 27.60 15.71 9.82
N GLN B 197 28.01 15.84 8.56
CA GLN B 197 28.70 14.76 7.86
C GLN B 197 30.06 14.53 8.51
N THR B 198 30.22 13.40 9.19
CA THR B 198 31.54 13.04 9.72
C THR B 198 32.53 12.80 8.58
N THR B 199 32.09 12.14 7.51
CA THR B 199 32.96 11.83 6.39
C THR B 199 32.20 12.00 5.09
N THR B 200 32.92 12.32 4.01
CA THR B 200 32.35 12.42 2.68
C THR B 200 33.15 11.57 1.72
N PHE B 201 32.48 10.73 0.95
CA PHE B 201 33.10 9.83 -0.01
C PHE B 201 32.79 10.32 -1.41
N THR B 202 33.83 10.64 -2.17
CA THR B 202 33.72 11.13 -3.54
C THR B 202 34.62 10.30 -4.43
N GLY B 203 34.28 10.29 -5.72
CA GLY B 203 35.05 9.55 -6.70
C GLY B 203 34.20 8.93 -7.79
N HIS B 204 32.90 8.79 -7.54
CA HIS B 204 32.00 8.30 -8.55
C HIS B 204 31.75 9.39 -9.60
N THR B 205 31.37 8.97 -10.80
CA THR B 205 31.05 9.88 -11.89
C THR B 205 29.56 10.08 -12.08
N GLY B 206 28.77 9.01 -11.98
CA GLY B 206 27.33 9.11 -12.05
C GLY B 206 26.69 9.00 -10.68
N ASP B 207 25.36 9.03 -10.69
CA ASP B 207 24.60 8.95 -9.45
C ASP B 207 24.83 7.61 -8.76
N VAL B 208 25.08 7.66 -7.46
CA VAL B 208 25.23 6.43 -6.68
C VAL B 208 23.85 5.89 -6.37
N MET B 209 23.55 4.69 -6.87
CA MET B 209 22.20 4.16 -6.79
C MET B 209 21.96 3.25 -5.60
N SER B 210 23.01 2.64 -5.03
CA SER B 210 22.83 1.73 -3.92
C SER B 210 24.16 1.56 -3.19
N LEU B 211 24.05 1.05 -1.96
CA LEU B 211 25.23 0.68 -1.17
C LEU B 211 24.85 -0.47 -0.26
N SER B 212 25.87 -1.17 0.23
CA SER B 212 25.66 -2.22 1.21
C SER B 212 26.85 -2.25 2.15
N LEU B 213 26.58 -2.52 3.43
CA LEU B 213 27.62 -2.55 4.43
C LEU B 213 28.18 -3.95 4.59
N ALA B 214 29.48 -4.02 4.88
CA ALA B 214 30.09 -5.30 5.19
C ALA B 214 29.55 -5.83 6.51
N PRO B 215 29.58 -7.15 6.71
CA PRO B 215 29.06 -7.71 7.96
C PRO B 215 29.71 -7.13 9.21
N ASP B 216 30.98 -6.76 9.15
CA ASP B 216 31.66 -6.13 10.27
C ASP B 216 31.53 -4.61 10.26
N THR B 217 30.86 -4.04 9.26
CA THR B 217 30.64 -2.60 9.15
C THR B 217 31.95 -1.81 9.19
N ARG B 218 32.97 -2.35 8.54
CA ARG B 218 34.23 -1.64 8.36
C ARG B 218 34.43 -1.10 6.96
N LEU B 219 33.80 -1.72 5.96
CA LEU B 219 33.88 -1.27 4.58
C LEU B 219 32.49 -1.30 3.98
N PHE B 220 32.31 -0.58 2.88
CA PHE B 220 31.04 -0.66 2.17
C PHE B 220 31.26 -0.43 0.69
N VAL B 221 30.48 -1.14 -0.13
CA VAL B 221 30.54 -1.02 -1.58
C VAL B 221 29.39 -0.15 -2.05
N SER B 222 29.66 0.71 -3.03
CA SER B 222 28.65 1.58 -3.61
C SER B 222 28.70 1.43 -5.12
N GLY B 223 27.53 1.21 -5.74
CA GLY B 223 27.41 1.10 -7.18
C GLY B 223 26.78 2.36 -7.73
N ALA B 224 27.31 2.85 -8.85
CA ALA B 224 26.86 4.11 -9.42
C ALA B 224 26.37 3.93 -10.84
N CYS B 225 25.89 5.02 -11.42
CA CYS B 225 25.35 5.02 -12.78
C CYS B 225 26.44 5.03 -13.85
N ASP B 226 27.70 5.16 -13.47
CA ASP B 226 28.82 5.07 -14.40
C ASP B 226 29.26 3.62 -14.62
N ALA B 227 28.40 2.65 -14.32
CA ALA B 227 28.70 1.23 -14.49
C ALA B 227 29.93 0.82 -13.68
N SER B 228 30.07 1.39 -12.48
CA SER B 228 31.22 1.11 -11.64
C SER B 228 30.78 0.94 -10.19
N ALA B 229 31.48 0.06 -9.49
CA ALA B 229 31.30 -0.11 -8.05
C ALA B 229 32.61 0.24 -7.36
N LYS B 230 32.52 0.74 -6.14
CA LYS B 230 33.71 1.17 -5.40
C LYS B 230 33.63 0.68 -3.97
N LEU B 231 34.77 0.25 -3.44
CA LEU B 231 34.89 -0.20 -2.06
C LEU B 231 35.50 0.92 -1.23
N TRP B 232 34.75 1.39 -0.22
CA TRP B 232 35.17 2.48 0.63
C TRP B 232 35.43 1.98 2.04
N ASP B 233 36.46 2.52 2.66
CA ASP B 233 36.74 2.30 4.08
C ASP B 233 35.99 3.35 4.88
N VAL B 234 35.18 2.90 5.85
CA VAL B 234 34.38 3.83 6.64
C VAL B 234 35.29 4.77 7.42
N ARG B 235 36.35 4.20 7.98
CA ARG B 235 37.33 5.01 8.76
C ARG B 235 38.39 5.61 7.84
N GLU B 236 38.62 6.91 7.94
CA GLU B 236 39.59 7.67 7.16
C GLU B 236 39.22 7.78 5.68
N GLY B 237 38.08 7.22 5.30
CA GLY B 237 37.37 7.62 4.09
C GLY B 237 38.09 7.58 2.76
N MET B 238 38.77 6.47 2.44
CA MET B 238 39.41 6.34 1.15
C MET B 238 38.64 5.34 0.29
N CYS B 239 38.93 5.38 -1.02
CA CYS B 239 38.43 4.37 -1.94
C CYS B 239 39.53 3.34 -2.16
N ARG B 240 39.27 2.10 -1.76
CA ARG B 240 40.30 1.08 -1.82
C ARG B 240 40.44 0.48 -3.22
N GLN B 241 39.33 0.12 -3.85
CA GLN B 241 39.39 -0.47 -5.18
C GLN B 241 38.06 -0.29 -5.89
N THR B 242 38.15 -0.12 -7.21
CA THR B 242 36.97 0.01 -8.05
C THR B 242 36.84 -1.21 -8.96
N PHE B 243 35.60 -1.57 -9.25
CA PHE B 243 35.26 -2.73 -10.07
C PHE B 243 34.39 -2.29 -11.22
N THR B 244 34.72 -2.76 -12.42
CA THR B 244 33.97 -2.49 -13.64
C THR B 244 33.63 -3.80 -14.32
N GLY B 245 32.87 -3.71 -15.40
CA GLY B 245 32.44 -4.88 -16.13
C GLY B 245 31.02 -4.80 -16.62
N HIS B 246 30.20 -4.01 -15.93
CA HIS B 246 28.84 -3.78 -16.37
C HIS B 246 28.82 -2.79 -17.52
N GLU B 247 27.73 -2.83 -18.29
CA GLU B 247 27.56 -1.95 -19.44
C GLU B 247 26.50 -0.88 -19.21
N SER B 248 25.86 -0.85 -18.05
CA SER B 248 24.80 0.11 -17.78
C SER B 248 24.84 0.48 -16.30
N ASP B 249 23.84 1.23 -15.86
CA ASP B 249 23.81 1.71 -14.49
C ASP B 249 23.56 0.55 -13.53
N ILE B 250 24.36 0.50 -12.46
CA ILE B 250 24.19 -0.52 -11.43
C ILE B 250 23.10 -0.04 -10.47
N ASN B 251 22.02 -0.81 -10.37
CA ASN B 251 20.88 -0.41 -9.54
C ASN B 251 20.87 -1.06 -8.17
N ALA B 252 21.45 -2.24 -8.02
CA ALA B 252 21.44 -2.95 -6.76
C ALA B 252 22.82 -3.51 -6.46
N ILE B 253 23.10 -3.71 -5.18
CA ILE B 253 24.37 -4.25 -4.73
C ILE B 253 24.15 -4.88 -3.36
N CYS B 254 24.90 -5.93 -3.06
CA CYS B 254 24.79 -6.60 -1.77
C CYS B 254 26.08 -7.37 -1.51
N PHE B 255 26.42 -7.50 -0.24
CA PHE B 255 27.63 -8.20 0.16
C PHE B 255 27.38 -9.69 0.32
N PHE B 256 28.42 -10.48 0.08
CA PHE B 256 28.38 -11.89 0.38
C PHE B 256 28.36 -12.10 1.90
N PRO B 257 27.72 -13.17 2.39
CA PRO B 257 27.72 -13.42 3.84
C PRO B 257 29.12 -13.55 4.42
N ASN B 258 30.07 -14.08 3.65
CA ASN B 258 31.45 -14.14 4.12
C ASN B 258 32.03 -12.75 4.31
N GLY B 259 31.70 -11.82 3.41
CA GLY B 259 32.23 -10.48 3.46
C GLY B 259 33.39 -10.22 2.52
N ASN B 260 33.79 -11.21 1.73
CA ASN B 260 34.92 -11.08 0.81
C ASN B 260 34.49 -11.01 -0.65
N ALA B 261 33.20 -10.84 -0.92
CA ALA B 261 32.70 -10.79 -2.28
C ALA B 261 31.37 -10.04 -2.26
N PHE B 262 30.91 -9.65 -3.45
CA PHE B 262 29.63 -8.97 -3.57
C PHE B 262 29.06 -9.19 -4.96
N ALA B 263 27.78 -8.84 -5.10
CA ALA B 263 27.05 -9.02 -6.36
C ALA B 263 26.37 -7.71 -6.74
N THR B 264 26.42 -7.37 -8.03
CA THR B 264 25.86 -6.14 -8.55
C THR B 264 24.95 -6.45 -9.72
N GLY B 265 23.73 -5.91 -9.68
CA GLY B 265 22.78 -6.02 -10.77
C GLY B 265 22.62 -4.68 -11.46
N SER B 266 22.51 -4.72 -12.79
CA SER B 266 22.44 -3.49 -13.57
C SER B 266 21.34 -3.56 -14.62
N ASP B 267 21.27 -2.55 -15.48
CA ASP B 267 20.24 -2.47 -16.51
C ASP B 267 20.50 -3.38 -17.70
N ASP B 268 21.70 -3.95 -17.81
CA ASP B 268 22.01 -4.87 -18.90
C ASP B 268 21.62 -6.31 -18.59
N ALA B 269 20.74 -6.52 -17.60
CA ALA B 269 20.22 -7.84 -17.26
C ALA B 269 21.33 -8.80 -16.85
N THR B 270 22.17 -8.35 -15.93
CA THR B 270 23.27 -9.16 -15.41
C THR B 270 23.38 -8.98 -13.91
N CYS B 271 23.89 -10.02 -13.24
CA CYS B 271 24.00 -10.06 -11.79
C CYS B 271 25.44 -10.34 -11.39
N ARG B 272 26.37 -9.57 -11.95
CA ARG B 272 27.78 -9.92 -11.91
C ARG B 272 28.29 -9.98 -10.47
N LEU B 273 29.01 -11.05 -10.16
CA LEU B 273 29.57 -11.29 -8.82
C LEU B 273 31.07 -11.08 -8.89
N PHE B 274 31.57 -10.17 -8.04
CA PHE B 274 32.97 -9.82 -7.92
C PHE B 274 33.51 -10.29 -6.57
N ASP B 275 34.82 -10.48 -6.51
CA ASP B 275 35.52 -10.87 -5.30
C ASP B 275 36.50 -9.78 -4.90
N LEU B 276 36.52 -9.45 -3.59
CA LEU B 276 37.35 -8.36 -3.11
C LEU B 276 38.83 -8.71 -3.18
N ARG B 277 39.21 -9.88 -2.68
CA ARG B 277 40.63 -10.22 -2.57
C ARG B 277 41.28 -10.41 -3.94
N ALA B 278 40.60 -11.13 -4.84
CA ALA B 278 41.13 -11.32 -6.18
C ALA B 278 41.06 -10.05 -7.01
N ASP B 279 40.24 -9.09 -6.62
CA ASP B 279 40.11 -7.80 -7.33
C ASP B 279 39.70 -8.01 -8.78
N GLN B 280 38.85 -9.01 -9.02
CA GLN B 280 38.42 -9.34 -10.37
C GLN B 280 36.96 -9.72 -10.38
N GLU B 281 36.36 -9.63 -11.57
CA GLU B 281 35.07 -10.26 -11.81
C GLU B 281 35.19 -11.77 -11.61
N LEU B 282 34.21 -12.34 -10.93
CA LEU B 282 34.20 -13.78 -10.67
C LEU B 282 33.15 -14.54 -11.46
N MET B 283 31.98 -13.95 -11.67
CA MET B 283 30.92 -14.71 -12.38
C MET B 283 29.80 -13.80 -12.87
N THR B 284 29.24 -14.08 -14.03
CA THR B 284 28.10 -13.36 -14.59
C THR B 284 26.88 -14.27 -14.54
N TYR B 285 25.70 -13.66 -14.34
CA TYR B 285 24.47 -14.43 -14.19
C TYR B 285 23.43 -13.99 -15.20
N SER B 286 23.82 -13.87 -16.46
CA SER B 286 22.90 -13.45 -17.51
C SER B 286 22.09 -14.62 -18.04
N HIS B 287 21.06 -14.30 -18.81
CA HIS B 287 20.22 -15.30 -19.46
C HIS B 287 19.57 -14.66 -20.67
N ASP B 288 19.46 -15.43 -21.76
CA ASP B 288 18.95 -14.88 -23.01
C ASP B 288 17.49 -14.46 -22.90
N ASN B 289 16.70 -15.16 -22.07
CA ASN B 289 15.29 -14.82 -21.93
C ASN B 289 15.11 -13.44 -21.29
N ILE B 290 15.91 -13.11 -20.29
CA ILE B 290 15.77 -11.84 -19.59
C ILE B 290 16.36 -10.72 -20.42
N ILE B 291 15.59 -9.65 -20.59
CA ILE B 291 16.03 -8.48 -21.36
C ILE B 291 15.84 -7.17 -20.61
N CYS B 292 15.42 -7.21 -19.35
CA CYS B 292 15.06 -6.02 -18.60
C CYS B 292 16.21 -5.64 -17.65
N GLY B 293 16.01 -4.52 -16.95
CA GLY B 293 16.91 -4.16 -15.89
C GLY B 293 16.67 -4.96 -14.63
N ILE B 294 17.54 -4.76 -13.64
CA ILE B 294 17.44 -5.45 -12.36
C ILE B 294 17.36 -4.40 -11.26
N THR B 295 16.36 -4.54 -10.39
CA THR B 295 16.09 -3.56 -9.34
C THR B 295 16.70 -3.92 -8.00
N SER B 296 16.60 -5.17 -7.58
CA SER B 296 17.08 -5.60 -6.27
C SER B 296 17.91 -6.87 -6.40
N VAL B 297 18.90 -6.98 -5.53
CA VAL B 297 19.80 -8.15 -5.47
C VAL B 297 20.03 -8.50 -4.01
N SER B 298 19.90 -9.77 -3.67
CA SER B 298 20.12 -10.22 -2.30
C SER B 298 20.62 -11.65 -2.30
N PHE B 299 21.35 -12.01 -1.25
CA PHE B 299 21.90 -13.35 -1.07
C PHE B 299 21.09 -14.12 -0.05
N SER B 300 21.45 -15.39 0.13
CA SER B 300 20.86 -16.24 1.15
C SER B 300 21.77 -16.26 2.37
N LYS B 301 21.36 -17.03 3.39
CA LYS B 301 22.14 -17.09 4.62
C LYS B 301 23.51 -17.72 4.38
N SER B 302 23.57 -18.78 3.58
CA SER B 302 24.83 -19.46 3.29
C SER B 302 25.52 -18.92 2.04
N GLY B 303 24.88 -18.04 1.29
CA GLY B 303 25.46 -17.51 0.08
C GLY B 303 25.36 -18.41 -1.12
N ARG B 304 24.62 -19.52 -1.03
CA ARG B 304 24.47 -20.44 -2.15
C ARG B 304 23.40 -20.01 -3.13
N LEU B 305 22.54 -19.07 -2.77
CA LEU B 305 21.48 -18.60 -3.64
C LEU B 305 21.57 -17.09 -3.81
N LEU B 306 21.21 -16.63 -5.01
CA LEU B 306 21.20 -15.20 -5.33
C LEU B 306 19.83 -14.84 -5.86
N LEU B 307 19.11 -13.98 -5.13
CA LEU B 307 17.77 -13.59 -5.50
C LEU B 307 17.79 -12.20 -6.12
N ALA B 308 17.24 -12.08 -7.32
CA ALA B 308 17.27 -10.82 -8.07
C ALA B 308 15.88 -10.46 -8.54
N GLY B 309 15.48 -9.21 -8.33
CA GLY B 309 14.20 -8.71 -8.79
C GLY B 309 14.34 -8.01 -10.13
N TYR B 310 13.41 -8.28 -11.04
CA TYR B 310 13.47 -7.80 -12.41
C TYR B 310 12.24 -6.94 -12.71
N ASP B 311 12.17 -6.46 -13.95
CA ASP B 311 11.02 -5.71 -14.44
C ASP B 311 9.99 -6.60 -15.14
N ASP B 312 10.26 -7.90 -15.29
CA ASP B 312 9.25 -8.85 -15.78
C ASP B 312 8.20 -9.18 -14.73
N PHE B 313 8.21 -8.43 -13.63
CA PHE B 313 7.24 -8.51 -12.53
C PHE B 313 7.51 -9.74 -11.66
N ASN B 314 8.66 -10.36 -11.78
CA ASN B 314 8.96 -11.58 -11.05
C ASN B 314 10.43 -11.59 -10.65
N CYS B 315 10.73 -12.38 -9.62
CA CYS B 315 12.09 -12.53 -9.10
C CYS B 315 12.69 -13.85 -9.54
N ASN B 316 14.01 -13.87 -9.65
CA ASN B 316 14.74 -15.05 -10.12
C ASN B 316 15.72 -15.49 -9.04
N VAL B 317 15.89 -16.81 -8.91
CA VAL B 317 16.84 -17.40 -7.98
C VAL B 317 17.94 -18.06 -8.79
N TRP B 318 19.19 -17.72 -8.49
CA TRP B 318 20.35 -18.23 -9.21
C TRP B 318 21.22 -19.03 -8.25
N ASP B 319 21.78 -20.13 -8.76
CA ASP B 319 22.81 -20.85 -8.04
C ASP B 319 24.08 -20.01 -8.05
N ALA B 320 24.46 -19.46 -6.89
CA ALA B 320 25.56 -18.52 -6.83
C ALA B 320 26.88 -19.14 -7.25
N LEU B 321 27.01 -20.47 -7.17
CA LEU B 321 28.25 -21.14 -7.52
C LEU B 321 28.26 -21.68 -8.95
N LYS B 322 27.11 -21.76 -9.60
CA LYS B 322 27.05 -22.38 -10.95
C LYS B 322 26.31 -21.50 -11.96
N ALA B 323 25.81 -20.33 -11.58
CA ALA B 323 25.14 -19.41 -12.50
C ALA B 323 23.99 -20.07 -13.24
N ASP B 324 23.28 -20.98 -12.58
CA ASP B 324 22.14 -21.67 -13.14
C ASP B 324 20.87 -21.23 -12.41
N ARG B 325 19.85 -20.83 -13.17
CA ARG B 325 18.59 -20.44 -12.55
C ARG B 325 17.97 -21.63 -11.82
N ALA B 326 17.49 -21.38 -10.60
CA ALA B 326 16.99 -22.44 -9.75
C ALA B 326 15.55 -22.19 -9.28
N GLY B 327 14.89 -21.16 -9.78
CA GLY B 327 13.51 -20.93 -9.41
C GLY B 327 13.06 -19.54 -9.74
N VAL B 328 11.73 -19.37 -9.77
CA VAL B 328 11.09 -18.10 -10.07
C VAL B 328 10.09 -17.80 -8.96
N LEU B 329 9.96 -16.52 -8.63
CA LEU B 329 9.09 -16.08 -7.55
C LEU B 329 7.99 -15.17 -8.07
N ALA B 330 7.35 -15.59 -9.17
CA ALA B 330 6.28 -14.80 -9.77
C ALA B 330 5.09 -14.72 -8.82
N GLY B 331 4.26 -13.70 -9.02
CA GLY B 331 3.14 -13.45 -8.14
C GLY B 331 2.88 -11.98 -7.90
N HIS B 332 3.71 -11.12 -8.49
CA HIS B 332 3.54 -9.67 -8.42
C HIS B 332 3.01 -9.16 -9.74
N ASP B 333 2.09 -8.19 -9.67
CA ASP B 333 1.45 -7.63 -10.85
C ASP B 333 2.19 -6.43 -11.43
N ASN B 334 3.33 -6.06 -10.85
CA ASN B 334 4.10 -4.93 -11.36
C ASN B 334 5.57 -5.17 -11.05
N ARG B 335 6.39 -4.17 -11.37
CA ARG B 335 7.83 -4.30 -11.20
C ARG B 335 8.19 -4.52 -9.74
N VAL B 336 9.02 -5.54 -9.49
CA VAL B 336 9.49 -5.85 -8.13
C VAL B 336 10.57 -4.83 -7.78
N SER B 337 10.27 -3.95 -6.84
CA SER B 337 11.15 -2.83 -6.53
C SER B 337 12.09 -3.09 -5.36
N CYS B 338 11.67 -3.88 -4.36
CA CYS B 338 12.51 -4.15 -3.20
C CYS B 338 12.49 -5.63 -2.89
N LEU B 339 13.61 -6.12 -2.34
CA LEU B 339 13.78 -7.53 -2.05
C LEU B 339 14.77 -7.68 -0.92
N GLY B 340 14.48 -8.58 0.02
CA GLY B 340 15.36 -8.78 1.15
C GLY B 340 15.15 -10.14 1.79
N VAL B 341 16.15 -10.55 2.56
CA VAL B 341 16.13 -11.84 3.26
C VAL B 341 16.43 -11.58 4.73
N THR B 342 15.72 -12.30 5.60
CA THR B 342 15.88 -12.12 7.04
C THR B 342 17.28 -12.56 7.48
N ASP B 343 17.70 -12.09 8.65
CA ASP B 343 19.04 -12.42 9.18
C ASP B 343 19.10 -13.91 9.52
N ASP B 344 18.03 -14.47 10.03
CA ASP B 344 17.98 -15.91 10.25
C ASP B 344 17.72 -16.70 8.97
N GLY B 345 17.37 -16.03 7.87
CA GLY B 345 17.25 -16.67 6.58
C GLY B 345 16.00 -17.50 6.38
N MET B 346 14.99 -17.37 7.23
CA MET B 346 13.81 -18.21 7.11
C MET B 346 12.90 -17.77 5.98
N ALA B 347 12.77 -16.47 5.74
CA ALA B 347 11.81 -15.95 4.79
C ALA B 347 12.46 -14.92 3.87
N VAL B 348 11.79 -14.64 2.76
CA VAL B 348 12.22 -13.62 1.80
C VAL B 348 11.06 -12.67 1.57
N ALA B 349 11.30 -11.37 1.77
CA ALA B 349 10.26 -10.37 1.57
C ALA B 349 10.52 -9.65 0.24
N THR B 350 9.49 -9.62 -0.61
CA THR B 350 9.55 -8.93 -1.89
C THR B 350 8.41 -7.92 -1.97
N GLY B 351 8.73 -6.70 -2.35
CA GLY B 351 7.73 -5.65 -2.53
C GLY B 351 7.81 -5.08 -3.92
N SER B 352 6.65 -4.84 -4.52
CA SER B 352 6.60 -4.39 -5.91
C SER B 352 5.80 -3.11 -6.04
N TRP B 353 5.55 -2.68 -7.28
CA TRP B 353 4.88 -1.41 -7.55
C TRP B 353 3.36 -1.53 -7.50
N ASP B 354 2.82 -2.71 -7.25
CA ASP B 354 1.38 -2.89 -7.09
C ASP B 354 0.92 -2.70 -5.65
N SER B 355 1.78 -2.16 -4.79
CA SER B 355 1.44 -1.83 -3.41
C SER B 355 1.17 -3.07 -2.56
N PHE B 356 2.00 -4.10 -2.73
CA PHE B 356 1.88 -5.31 -1.93
C PHE B 356 3.26 -5.84 -1.58
N LEU B 357 3.41 -6.32 -0.36
CA LEU B 357 4.61 -7.02 0.08
C LEU B 357 4.26 -8.48 0.35
N LYS B 358 5.10 -9.38 -0.13
CA LYS B 358 4.86 -10.82 0.00
C LYS B 358 6.05 -11.46 0.70
N ILE B 359 5.75 -12.31 1.67
CA ILE B 359 6.75 -13.12 2.36
C ILE B 359 6.72 -14.51 1.75
N TRP B 360 7.88 -15.01 1.36
CA TRP B 360 8.04 -16.31 0.72
C TRP B 360 8.87 -17.23 1.59
N ASN B 361 8.53 -18.50 1.56
CA ASN B 361 9.23 -19.50 2.37
C ASN B 361 9.32 -20.82 1.62
N ILE C 9 43.69 20.01 -13.96
CA ILE C 9 45.03 19.52 -13.65
C ILE C 9 45.05 18.91 -12.25
N ALA C 10 44.39 19.57 -11.31
CA ALA C 10 44.30 19.04 -9.95
C ALA C 10 43.53 17.72 -9.94
N GLN C 11 42.43 17.65 -10.70
CA GLN C 11 41.69 16.39 -10.80
C GLN C 11 42.52 15.32 -11.49
N ALA C 12 43.39 15.70 -12.44
CA ALA C 12 44.26 14.73 -13.07
C ALA C 12 45.25 14.13 -12.08
N ARG C 13 45.85 14.97 -11.23
CA ARG C 13 46.77 14.46 -10.22
C ARG C 13 46.04 13.60 -9.20
N LYS C 14 44.82 14.01 -8.81
CA LYS C 14 44.04 13.18 -7.89
C LYS C 14 43.73 11.82 -8.51
N LEU C 15 43.34 11.79 -9.78
CA LEU C 15 43.06 10.53 -10.45
C LEU C 15 44.31 9.66 -10.54
N VAL C 16 45.45 10.26 -10.84
CA VAL C 16 46.68 9.49 -10.97
C VAL C 16 47.11 8.92 -9.62
N GLU C 17 46.97 9.71 -8.55
CA GLU C 17 47.28 9.19 -7.21
C GLU C 17 46.33 8.07 -6.82
N GLN C 18 45.04 8.21 -7.14
CA GLN C 18 44.09 7.15 -6.87
C GLN C 18 44.46 5.88 -7.64
N LEU C 19 44.89 6.04 -8.89
CA LEU C 19 45.31 4.88 -9.68
C LEU C 19 46.53 4.20 -9.07
N LYS C 20 47.51 4.98 -8.59
CA LYS C 20 48.65 4.36 -7.92
C LYS C 20 48.21 3.61 -6.67
N MET C 21 47.32 4.22 -5.90
CA MET C 21 46.87 3.55 -4.66
C MET C 21 46.22 2.23 -5.03
N GLU C 22 45.35 2.24 -6.03
CA GLU C 22 44.65 1.02 -6.41
C GLU C 22 45.59 -0.02 -7.01
N ALA C 23 46.65 0.42 -7.67
CA ALA C 23 47.61 -0.52 -8.26
C ALA C 23 48.64 -1.04 -7.26
N ASN C 24 48.75 -0.43 -6.09
CA ASN C 24 49.74 -0.83 -5.11
C ASN C 24 49.28 -1.96 -4.20
N ILE C 25 48.07 -2.48 -4.38
CA ILE C 25 47.55 -3.54 -3.53
C ILE C 25 48.02 -4.90 -4.03
N ASP C 26 47.89 -5.92 -3.19
CA ASP C 26 48.29 -7.28 -3.52
C ASP C 26 47.07 -8.16 -3.69
N ARG C 27 47.10 -9.02 -4.70
CA ARG C 27 45.96 -9.85 -5.10
C ARG C 27 46.30 -11.32 -4.98
N ILE C 28 45.35 -12.10 -4.46
CA ILE C 28 45.48 -13.55 -4.42
C ILE C 28 44.96 -14.11 -5.74
N LYS C 29 45.26 -15.37 -6.01
CA LYS C 29 44.81 -16.00 -7.25
C LYS C 29 43.31 -16.23 -7.21
N VAL C 30 42.70 -16.31 -8.40
CA VAL C 30 41.27 -16.54 -8.50
C VAL C 30 40.91 -17.92 -7.97
N SER C 31 41.79 -18.91 -8.16
CA SER C 31 41.51 -20.25 -7.68
C SER C 31 41.36 -20.30 -6.17
N LYS C 32 42.23 -19.59 -5.44
CA LYS C 32 42.15 -19.58 -3.99
C LYS C 32 40.85 -18.93 -3.51
N ALA C 33 40.48 -17.79 -4.11
CA ALA C 33 39.24 -17.12 -3.73
C ALA C 33 38.03 -17.99 -4.04
N ALA C 34 38.04 -18.66 -5.19
CA ALA C 34 36.95 -19.55 -5.56
C ALA C 34 36.84 -20.72 -4.58
N ALA C 35 37.97 -21.30 -4.19
CA ALA C 35 37.96 -22.38 -3.22
C ALA C 35 37.42 -21.91 -1.87
N ASP C 36 37.82 -20.71 -1.44
CA ASP C 36 37.31 -20.18 -0.18
C ASP C 36 35.81 -19.96 -0.24
N LEU C 37 35.32 -19.42 -1.37
CA LEU C 37 33.88 -19.20 -1.52
C LEU C 37 33.12 -20.52 -1.48
N MET C 38 33.64 -21.54 -2.18
CA MET C 38 32.99 -22.85 -2.16
C MET C 38 33.00 -23.46 -0.77
N ALA C 39 34.13 -23.31 -0.05
CA ALA C 39 34.21 -23.85 1.30
C ALA C 39 33.21 -23.17 2.23
N TYR C 40 33.07 -21.86 2.13
CA TYR C 40 32.08 -21.16 2.96
C TYR C 40 30.66 -21.59 2.60
N CYS C 41 30.38 -21.75 1.30
CA CYS C 41 29.04 -22.16 0.89
C CYS C 41 28.71 -23.57 1.39
N GLU C 42 29.70 -24.46 1.42
CA GLU C 42 29.42 -25.86 1.82
C GLU C 42 29.42 -25.98 3.35
N ALA C 43 30.14 -25.10 4.05
CA ALA C 43 30.23 -25.22 5.50
C ALA C 43 28.98 -24.72 6.22
N HIS C 44 28.11 -23.97 5.56
CA HIS C 44 26.89 -23.44 6.17
C HIS C 44 25.65 -23.91 5.42
N ALA C 45 25.74 -25.05 4.74
CA ALA C 45 24.61 -25.53 3.96
C ALA C 45 23.45 -25.98 4.84
N LYS C 46 23.77 -26.57 6.00
CA LYS C 46 22.73 -27.09 6.88
C LYS C 46 21.94 -25.99 7.58
N GLU C 47 22.50 -24.78 7.70
CA GLU C 47 21.85 -23.67 8.38
C GLU C 47 21.20 -22.70 7.42
N ASP C 48 20.75 -23.19 6.26
CA ASP C 48 20.08 -22.35 5.26
C ASP C 48 18.64 -22.83 5.09
N PRO C 49 17.66 -22.17 5.71
CA PRO C 49 16.27 -22.60 5.57
C PRO C 49 15.68 -22.36 4.20
N LEU C 50 16.44 -21.83 3.25
CA LEU C 50 16.00 -21.70 1.87
C LEU C 50 16.55 -22.79 0.96
N LEU C 51 17.74 -23.31 1.27
CA LEU C 51 18.26 -24.47 0.55
C LEU C 51 17.58 -25.75 1.02
N THR C 52 17.70 -26.05 2.32
CA THR C 52 17.08 -27.22 2.91
C THR C 52 15.96 -26.76 3.82
N PRO C 53 14.70 -26.83 3.38
CA PRO C 53 13.60 -26.33 4.21
C PRO C 53 13.51 -27.08 5.53
N VAL C 54 13.21 -26.35 6.59
CA VAL C 54 13.02 -26.92 7.92
C VAL C 54 11.65 -27.59 7.95
N PRO C 55 11.42 -28.55 8.86
CA PRO C 55 10.08 -29.14 8.96
C PRO C 55 9.06 -28.10 9.40
N ALA C 56 7.81 -28.33 9.02
CA ALA C 56 6.74 -27.37 9.28
C ALA C 56 6.49 -27.15 10.77
N SER C 57 6.99 -28.03 11.63
CA SER C 57 6.83 -27.83 13.07
C SER C 57 7.55 -26.58 13.54
N GLU C 58 8.76 -26.33 13.03
CA GLU C 58 9.58 -25.20 13.45
C GLU C 58 9.63 -24.11 12.37
N ASN C 59 8.56 -23.96 11.60
CA ASN C 59 8.49 -22.91 10.61
C ASN C 59 7.59 -21.79 11.13
N PRO C 60 8.14 -20.61 11.45
CA PRO C 60 7.30 -19.55 12.02
C PRO C 60 6.24 -19.03 11.07
N PHE C 61 6.41 -19.20 9.76
CA PHE C 61 5.43 -18.74 8.78
C PHE C 61 4.57 -19.93 8.36
N ARG C 62 3.64 -20.30 9.24
CA ARG C 62 2.73 -21.42 9.02
C ARG C 62 3.48 -22.72 8.76
N TYR D 198 -29.63 -22.87 -30.26
CA TYR D 198 -30.05 -22.46 -28.93
C TYR D 198 -29.03 -22.88 -27.88
N SER D 199 -28.59 -24.15 -27.96
CA SER D 199 -27.50 -24.59 -27.11
C SER D 199 -26.24 -23.77 -27.37
N LEU D 200 -26.08 -23.25 -28.59
CA LEU D 200 -25.00 -22.32 -28.86
C LEU D 200 -25.15 -21.06 -28.02
N LEU D 201 -26.37 -20.54 -27.92
CA LEU D 201 -26.62 -19.38 -27.06
C LEU D 201 -26.32 -19.70 -25.61
N PHE D 202 -26.73 -20.88 -25.14
CA PHE D 202 -26.44 -21.28 -23.77
C PHE D 202 -24.95 -21.31 -23.51
N LEU D 203 -24.19 -21.95 -24.40
CA LEU D 203 -22.74 -22.08 -24.24
C LEU D 203 -22.08 -20.70 -24.26
N LEU D 204 -22.48 -19.85 -25.20
CA LEU D 204 -21.88 -18.53 -25.30
C LEU D 204 -22.17 -17.69 -24.06
N GLY D 205 -23.41 -17.73 -23.57
CA GLY D 205 -23.75 -16.97 -22.39
C GLY D 205 -22.97 -17.44 -21.17
N LEU D 206 -22.91 -18.76 -20.96
CA LEU D 206 -22.15 -19.28 -19.84
C LEU D 206 -20.67 -18.90 -19.95
N LEU D 207 -20.08 -19.05 -21.14
CA LEU D 207 -18.67 -18.75 -21.31
C LEU D 207 -18.39 -17.27 -21.05
N GLY D 208 -19.19 -16.39 -21.63
CA GLY D 208 -18.95 -14.96 -21.47
C GLY D 208 -19.11 -14.52 -20.02
N ASN D 209 -20.20 -14.96 -19.37
CA ASN D 209 -20.43 -14.54 -18.00
C ASN D 209 -19.36 -15.12 -17.07
N GLY D 210 -18.98 -16.38 -17.26
CA GLY D 210 -17.92 -16.96 -16.44
C GLY D 210 -16.60 -16.24 -16.62
N ALA D 211 -16.24 -15.93 -17.87
CA ALA D 211 -14.99 -15.21 -18.11
C ALA D 211 -15.02 -13.83 -17.47
N VAL D 212 -16.13 -13.11 -17.59
CA VAL D 212 -16.22 -11.77 -17.02
C VAL D 212 -16.12 -11.85 -15.50
N ALA D 213 -16.85 -12.79 -14.90
CA ALA D 213 -16.81 -12.93 -13.44
C ALA D 213 -15.43 -13.34 -12.94
N ALA D 214 -14.75 -14.22 -13.69
CA ALA D 214 -13.40 -14.63 -13.27
C ALA D 214 -12.42 -13.47 -13.37
N VAL D 215 -12.49 -12.71 -14.47
CA VAL D 215 -11.58 -11.58 -14.64
C VAL D 215 -11.82 -10.53 -13.56
N LEU D 216 -13.08 -10.21 -13.28
CA LEU D 216 -13.38 -9.21 -12.27
C LEU D 216 -13.18 -9.74 -10.86
N LEU D 217 -13.13 -11.06 -10.67
CA LEU D 217 -12.99 -11.65 -9.34
C LEU D 217 -11.58 -12.11 -9.04
N SER D 218 -10.76 -12.40 -10.06
CA SER D 218 -9.38 -12.80 -9.80
C SER D 218 -8.61 -11.69 -9.10
N ARG D 219 -8.80 -10.45 -9.54
CA ARG D 219 -8.13 -9.29 -8.97
C ARG D 219 -9.22 -8.36 -8.45
N ARG D 220 -9.60 -8.52 -7.19
CA ARG D 220 -10.67 -7.71 -6.60
C ARG D 220 -10.14 -6.37 -6.12
N THR D 221 -9.44 -5.65 -7.00
CA THR D 221 -8.92 -4.33 -6.68
C THR D 221 -9.17 -3.39 -7.85
N ALA D 222 -9.21 -2.09 -7.55
CA ALA D 222 -9.43 -1.05 -8.56
C ALA D 222 -10.76 -1.26 -9.29
N LEU D 223 -11.78 -1.71 -8.56
CA LEU D 223 -13.14 -1.83 -9.07
C LEU D 223 -13.93 -0.67 -8.45
N SER D 224 -13.87 0.50 -9.08
CA SER D 224 -14.38 1.70 -8.43
C SER D 224 -15.89 1.63 -8.16
N SER D 225 -16.71 1.72 -9.20
CA SER D 225 -18.12 1.44 -9.05
C SER D 225 -18.67 0.58 -10.19
N THR D 226 -18.24 0.89 -11.41
CA THR D 226 -18.81 0.24 -12.58
C THR D 226 -18.34 -1.19 -12.72
N ASP D 227 -17.10 -1.48 -12.32
CA ASP D 227 -16.63 -2.86 -12.35
C ASP D 227 -17.40 -3.73 -11.35
N THR D 228 -17.69 -3.19 -10.16
CA THR D 228 -18.50 -3.94 -9.19
C THR D 228 -19.92 -4.16 -9.71
N PHE D 229 -20.52 -3.12 -10.29
CA PHE D 229 -21.85 -3.27 -10.87
C PHE D 229 -21.83 -4.31 -11.98
N LEU D 230 -20.79 -4.30 -12.81
CA LEU D 230 -20.67 -5.27 -13.90
C LEU D 230 -20.48 -6.68 -13.37
N LEU D 231 -19.75 -6.83 -12.27
CA LEU D 231 -19.59 -8.15 -11.66
C LEU D 231 -20.92 -8.70 -11.18
N HIS D 232 -21.71 -7.86 -10.50
CA HIS D 232 -23.02 -8.32 -10.05
C HIS D 232 -23.94 -8.63 -11.23
N LEU D 233 -23.89 -7.81 -12.27
CA LEU D 233 -24.67 -8.07 -13.47
C LEU D 233 -24.25 -9.37 -14.12
N ALA D 234 -22.94 -9.66 -14.12
CA ALA D 234 -22.47 -10.93 -14.69
C ALA D 234 -22.95 -12.12 -13.87
N VAL D 235 -23.00 -11.98 -12.54
CA VAL D 235 -23.52 -13.06 -11.71
C VAL D 235 -24.98 -13.32 -12.04
N ALA D 236 -25.79 -12.26 -12.11
CA ALA D 236 -27.20 -12.43 -12.46
C ALA D 236 -27.35 -13.03 -13.85
N ASP D 237 -26.50 -12.59 -14.79
CA ASP D 237 -26.58 -13.09 -16.16
C ASP D 237 -26.25 -14.58 -16.23
N THR D 238 -25.21 -15.00 -15.50
CA THR D 238 -24.88 -16.42 -15.51
C THR D 238 -25.94 -17.25 -14.82
N LEU D 239 -26.63 -16.68 -13.83
CA LEU D 239 -27.78 -17.38 -13.25
C LEU D 239 -28.88 -17.56 -14.28
N LEU D 240 -29.16 -16.53 -15.07
CA LEU D 240 -30.12 -16.66 -16.16
C LEU D 240 -29.69 -17.73 -17.17
N VAL D 241 -28.41 -17.74 -17.53
CA VAL D 241 -27.95 -18.69 -18.53
C VAL D 241 -28.01 -20.12 -18.00
N LEU D 242 -27.72 -20.30 -16.70
CA LEU D 242 -27.88 -21.61 -16.10
C LEU D 242 -29.34 -22.03 -16.07
N THR D 243 -30.24 -21.08 -15.86
CA THR D 243 -31.66 -21.41 -15.77
C THR D 243 -32.28 -21.71 -17.12
N LEU D 244 -31.78 -21.09 -18.20
CA LEU D 244 -32.47 -21.13 -19.48
C LEU D 244 -32.79 -22.53 -20.01
N PRO D 245 -31.90 -23.53 -19.96
CA PRO D 245 -32.26 -24.82 -20.58
C PRO D 245 -33.43 -25.51 -19.89
N LEU D 246 -33.72 -25.15 -18.64
CA LEU D 246 -34.88 -25.71 -17.94
C LEU D 246 -36.18 -25.35 -18.68
N TRP D 247 -36.36 -24.07 -18.94
CA TRP D 247 -37.55 -23.63 -19.69
C TRP D 247 -37.41 -24.07 -21.15
N ALA D 248 -36.19 -24.21 -21.65
CA ALA D 248 -36.00 -24.68 -23.02
C ALA D 248 -36.62 -26.06 -23.20
N VAL D 249 -36.25 -27.01 -22.33
CA VAL D 249 -36.83 -28.33 -22.40
C VAL D 249 -38.28 -28.33 -21.98
N ASP D 250 -38.71 -27.34 -21.17
CA ASP D 250 -40.13 -27.17 -20.91
C ASP D 250 -40.89 -26.91 -22.21
N ALA D 251 -40.43 -25.94 -22.99
CA ALA D 251 -41.06 -25.66 -24.28
C ALA D 251 -40.85 -26.76 -25.29
N ALA D 252 -39.83 -27.60 -25.10
CA ALA D 252 -39.58 -28.69 -26.04
C ALA D 252 -40.75 -29.67 -26.06
N VAL D 253 -41.15 -30.17 -24.90
CA VAL D 253 -42.26 -31.13 -24.84
C VAL D 253 -43.35 -30.66 -23.89
N GLN D 254 -43.02 -30.51 -22.60
CA GLN D 254 -44.03 -30.28 -21.57
C GLN D 254 -43.32 -30.05 -20.24
N TRP D 255 -44.04 -29.47 -19.29
CA TRP D 255 -43.56 -29.29 -17.92
C TRP D 255 -43.84 -30.52 -17.07
N VAL D 256 -43.24 -31.64 -17.47
CA VAL D 256 -43.23 -32.84 -16.62
C VAL D 256 -41.95 -32.76 -15.79
N PHE D 257 -42.01 -31.95 -14.73
CA PHE D 257 -40.88 -31.82 -13.82
C PHE D 257 -41.27 -31.96 -12.36
N GLY D 258 -42.44 -31.44 -11.96
CA GLY D 258 -42.87 -31.41 -10.58
C GLY D 258 -43.42 -30.04 -10.23
N SER D 259 -43.41 -29.73 -8.94
CA SER D 259 -43.93 -28.45 -8.47
C SER D 259 -42.94 -27.66 -7.63
N GLY D 260 -42.15 -28.34 -6.78
CA GLY D 260 -41.18 -27.63 -5.97
C GLY D 260 -40.08 -26.98 -6.80
N LEU D 261 -39.57 -27.70 -7.79
CA LEU D 261 -38.57 -27.11 -8.66
C LEU D 261 -39.18 -26.04 -9.57
N CYS D 262 -40.45 -26.19 -9.96
CA CYS D 262 -41.18 -25.09 -10.58
C CYS D 262 -41.12 -23.85 -9.69
N LYS D 263 -41.41 -24.02 -8.40
CA LYS D 263 -41.44 -22.88 -7.49
C LYS D 263 -40.06 -22.24 -7.37
N VAL D 264 -39.03 -23.06 -7.16
CA VAL D 264 -37.69 -22.50 -6.96
C VAL D 264 -37.17 -21.86 -8.24
N ALA D 265 -37.46 -22.46 -9.40
CA ALA D 265 -37.03 -21.87 -10.66
C ALA D 265 -37.72 -20.54 -10.91
N GLY D 266 -39.03 -20.46 -10.65
CA GLY D 266 -39.71 -19.20 -10.78
C GLY D 266 -39.14 -18.13 -9.87
N ALA D 267 -38.88 -18.49 -8.60
CA ALA D 267 -38.32 -17.53 -7.66
C ALA D 267 -36.96 -17.02 -8.13
N LEU D 268 -36.06 -17.94 -8.47
CA LEU D 268 -34.72 -17.54 -8.88
C LEU D 268 -34.75 -16.72 -10.16
N PHE D 269 -35.60 -17.11 -11.12
CA PHE D 269 -35.71 -16.37 -12.37
C PHE D 269 -36.21 -14.96 -12.13
N ASN D 270 -37.24 -14.81 -11.29
CA ASN D 270 -37.76 -13.46 -11.03
C ASN D 270 -36.71 -12.61 -10.34
N ILE D 271 -36.01 -13.18 -9.35
CA ILE D 271 -34.99 -12.43 -8.63
C ILE D 271 -33.91 -11.94 -9.58
N ASN D 272 -33.36 -12.84 -10.39
CA ASN D 272 -32.26 -12.44 -11.24
C ASN D 272 -32.72 -11.58 -12.41
N PHE D 273 -33.98 -11.74 -12.85
CA PHE D 273 -34.49 -10.92 -13.93
C PHE D 273 -34.70 -9.48 -13.48
N TYR D 274 -35.19 -9.28 -12.26
CA TYR D 274 -35.29 -7.91 -11.74
C TYR D 274 -33.91 -7.33 -11.45
N ALA D 275 -32.98 -8.16 -10.98
CA ALA D 275 -31.62 -7.69 -10.73
C ALA D 275 -30.95 -7.24 -12.02
N GLY D 276 -31.18 -7.97 -13.11
CA GLY D 276 -30.55 -7.63 -14.38
C GLY D 276 -30.96 -6.29 -14.95
N ALA D 277 -32.12 -5.78 -14.53
CA ALA D 277 -32.57 -4.44 -14.94
C ALA D 277 -32.19 -3.38 -13.92
N LEU D 278 -32.30 -3.69 -12.63
CA LEU D 278 -31.88 -2.72 -11.61
C LEU D 278 -30.39 -2.42 -11.72
N LEU D 279 -29.57 -3.43 -12.01
CA LEU D 279 -28.14 -3.21 -12.15
C LEU D 279 -27.81 -2.43 -13.42
N LEU D 280 -28.58 -2.63 -14.49
CA LEU D 280 -28.40 -1.81 -15.68
C LEU D 280 -28.71 -0.34 -15.40
N ALA D 281 -29.81 -0.09 -14.67
CA ALA D 281 -30.13 1.28 -14.30
C ALA D 281 -29.05 1.87 -13.40
N CYS D 282 -28.51 1.07 -12.48
CA CYS D 282 -27.44 1.55 -11.62
C CYS D 282 -26.18 1.88 -12.41
N ILE D 283 -25.86 1.05 -13.41
CA ILE D 283 -24.70 1.31 -14.26
C ILE D 283 -24.89 2.61 -15.02
N SER D 284 -26.10 2.83 -15.57
CA SER D 284 -26.37 4.07 -16.29
C SER D 284 -26.25 5.27 -15.36
N PHE D 285 -26.78 5.16 -14.14
CA PHE D 285 -26.66 6.27 -13.19
C PHE D 285 -25.21 6.54 -12.81
N ASP D 286 -24.45 5.46 -12.65
CA ASP D 286 -23.00 5.60 -12.31
C ASP D 286 -22.32 6.37 -13.44
N ARG D 287 -22.54 5.94 -14.69
CA ARG D 287 -21.90 6.59 -15.83
C ARG D 287 -22.35 8.05 -15.95
N TYR D 288 -23.61 8.33 -15.63
CA TYR D 288 -24.08 9.71 -15.62
C TYR D 288 -23.34 10.54 -14.57
N LEU D 289 -23.14 9.98 -13.38
CA LEU D 289 -22.45 10.70 -12.32
C LEU D 289 -21.00 10.96 -12.68
N ASN D 290 -20.33 9.98 -13.29
CA ASN D 290 -18.90 10.08 -13.55
C ASN D 290 -18.55 11.00 -14.72
N ILE D 291 -19.52 11.39 -15.55
CA ILE D 291 -19.26 12.18 -16.75
C ILE D 291 -19.91 13.55 -16.67
N VAL D 292 -21.22 13.59 -16.37
CA VAL D 292 -21.90 14.87 -16.26
C VAL D 292 -21.42 15.64 -15.04
N HIS D 293 -21.14 14.93 -13.94
CA HIS D 293 -20.69 15.52 -12.70
C HIS D 293 -19.28 15.07 -12.35
N ALA D 294 -18.39 15.07 -13.35
CA ALA D 294 -17.04 14.56 -13.14
C ALA D 294 -16.28 15.40 -12.13
N THR D 295 -16.24 16.72 -12.33
CA THR D 295 -15.50 17.58 -11.41
C THR D 295 -16.23 17.73 -10.08
N GLN D 296 -17.56 17.61 -10.08
CA GLN D 296 -18.31 17.69 -8.83
C GLN D 296 -18.11 16.44 -7.99
N LEU D 297 -18.15 15.26 -8.61
CA LEU D 297 -17.94 14.02 -7.89
C LEU D 297 -16.47 13.78 -7.57
N TYR D 298 -15.55 14.42 -8.28
CA TYR D 298 -14.13 14.29 -7.96
C TYR D 298 -13.82 14.86 -6.58
N ARG D 299 -14.46 15.98 -6.23
CA ARG D 299 -14.16 16.65 -4.98
C ARG D 299 -14.62 15.84 -3.78
N ARG D 300 -15.83 15.29 -3.83
CA ARG D 300 -16.43 14.64 -2.66
C ARG D 300 -17.13 13.34 -3.07
N GLY D 301 -16.45 12.52 -3.87
CA GLY D 301 -16.98 11.24 -4.27
C GLY D 301 -17.23 10.32 -3.08
N PRO D 302 -18.46 9.82 -2.97
CA PRO D 302 -18.79 8.93 -1.85
C PRO D 302 -17.93 7.68 -1.86
N PRO D 303 -17.46 7.23 -0.69
CA PRO D 303 -16.52 6.11 -0.65
C PRO D 303 -17.14 4.75 -0.89
N ALA D 304 -18.30 4.49 -0.26
CA ALA D 304 -18.90 3.17 -0.24
C ALA D 304 -20.35 3.23 -0.70
N ARG D 305 -20.58 3.91 -1.83
CA ARG D 305 -21.91 4.03 -2.39
C ARG D 305 -22.21 2.99 -3.47
N VAL D 306 -21.29 2.05 -3.70
CA VAL D 306 -21.51 1.04 -4.73
C VAL D 306 -21.87 -0.30 -4.12
N THR D 307 -21.13 -0.74 -3.09
CA THR D 307 -21.47 -2.01 -2.45
C THR D 307 -22.79 -1.93 -1.71
N LEU D 308 -23.00 -0.82 -0.98
CA LEU D 308 -24.28 -0.64 -0.30
C LEU D 308 -25.42 -0.57 -1.31
N THR D 309 -25.20 0.09 -2.45
CA THR D 309 -26.23 0.14 -3.48
C THR D 309 -26.53 -1.25 -4.03
N CYS D 310 -25.50 -2.07 -4.24
CA CYS D 310 -25.72 -3.42 -4.74
C CYS D 310 -26.51 -4.25 -3.75
N LEU D 311 -26.17 -4.18 -2.46
CA LEU D 311 -26.91 -4.92 -1.46
C LEU D 311 -28.35 -4.41 -1.35
N ALA D 312 -28.54 -3.10 -1.45
CA ALA D 312 -29.89 -2.55 -1.42
C ALA D 312 -30.71 -3.04 -2.60
N VAL D 313 -30.09 -3.10 -3.78
CA VAL D 313 -30.79 -3.61 -4.97
C VAL D 313 -31.18 -5.06 -4.77
N TRP D 314 -30.25 -5.87 -4.24
CA TRP D 314 -30.56 -7.29 -4.03
C TRP D 314 -31.65 -7.46 -2.99
N GLY D 315 -31.62 -6.68 -1.90
CA GLY D 315 -32.66 -6.78 -0.89
C GLY D 315 -34.02 -6.33 -1.38
N LEU D 316 -34.05 -5.22 -2.14
CA LEU D 316 -35.30 -4.77 -2.72
C LEU D 316 -35.86 -5.83 -3.67
N CYS D 317 -34.99 -6.44 -4.46
CA CYS D 317 -35.43 -7.51 -5.36
C CYS D 317 -35.94 -8.72 -4.58
N LEU D 318 -35.31 -9.03 -3.45
CA LEU D 318 -35.78 -10.13 -2.62
C LEU D 318 -37.18 -9.86 -2.09
N LEU D 319 -37.40 -8.66 -1.54
CA LEU D 319 -38.73 -8.30 -1.08
C LEU D 319 -39.72 -8.15 -2.24
N PHE D 320 -39.22 -7.94 -3.46
CA PHE D 320 -40.04 -7.78 -4.64
C PHE D 320 -40.51 -9.11 -5.22
N ALA D 321 -39.65 -10.13 -5.19
CA ALA D 321 -39.94 -11.43 -5.77
C ALA D 321 -39.99 -12.54 -4.73
N LEU D 322 -40.19 -12.20 -3.46
CA LEU D 322 -40.52 -13.22 -2.47
C LEU D 322 -41.98 -13.64 -2.59
N PRO D 323 -42.97 -12.72 -2.56
CA PRO D 323 -44.36 -13.18 -2.59
C PRO D 323 -44.83 -13.57 -3.99
N ASP D 324 -44.03 -14.35 -4.71
CA ASP D 324 -44.46 -14.83 -6.01
C ASP D 324 -44.38 -16.35 -6.10
N PHE D 325 -43.29 -16.93 -5.60
CA PHE D 325 -43.03 -18.35 -5.86
C PHE D 325 -43.96 -19.24 -5.05
N ILE D 326 -44.39 -18.77 -3.88
CA ILE D 326 -45.39 -19.50 -3.11
C ILE D 326 -46.78 -19.25 -3.70
N PHE D 327 -46.84 -18.57 -4.84
CA PHE D 327 -48.09 -18.30 -5.51
C PHE D 327 -48.20 -18.88 -6.93
N LEU D 328 -47.23 -19.70 -7.37
CA LEU D 328 -47.40 -20.46 -8.60
C LEU D 328 -47.17 -21.94 -8.33
N SER D 329 -47.59 -22.77 -9.29
CA SER D 329 -47.46 -24.21 -9.20
C SER D 329 -47.53 -24.79 -10.60
N ALA D 330 -47.45 -26.11 -10.69
CA ALA D 330 -47.66 -26.83 -11.94
C ALA D 330 -49.16 -26.94 -12.15
N HIS D 331 -49.72 -25.94 -12.83
CA HIS D 331 -51.16 -25.84 -12.98
C HIS D 331 -51.70 -27.02 -13.78
N HIS D 332 -52.95 -27.36 -13.53
CA HIS D 332 -53.58 -28.50 -14.19
C HIS D 332 -53.90 -28.14 -15.65
N ASP D 333 -54.56 -29.07 -16.34
CA ASP D 333 -54.84 -28.92 -17.76
C ASP D 333 -55.95 -27.88 -17.95
N GLU D 334 -55.57 -26.72 -18.49
CA GLU D 334 -56.52 -25.68 -18.86
C GLU D 334 -57.03 -25.95 -20.29
N ARG D 335 -57.66 -24.95 -20.89
CA ARG D 335 -58.08 -25.08 -22.29
C ARG D 335 -56.91 -25.25 -23.24
N LEU D 336 -55.69 -24.94 -22.78
CA LEU D 336 -54.48 -25.17 -23.56
C LEU D 336 -54.03 -26.63 -23.50
N ASN D 337 -54.79 -27.51 -22.85
CA ASN D 337 -54.57 -28.95 -22.73
C ASN D 337 -53.11 -29.33 -22.56
N ALA D 338 -52.39 -28.56 -21.74
CA ALA D 338 -50.97 -28.82 -21.50
C ALA D 338 -50.58 -28.14 -20.19
N THR D 339 -50.12 -28.93 -19.21
CA THR D 339 -49.77 -28.37 -17.92
C THR D 339 -48.57 -27.45 -18.04
N HIS D 340 -48.54 -26.44 -17.18
CA HIS D 340 -47.50 -25.42 -17.24
C HIS D 340 -47.17 -24.93 -15.85
N CYS D 341 -45.91 -24.53 -15.66
CA CYS D 341 -45.44 -23.97 -14.40
C CYS D 341 -45.86 -22.51 -14.38
N GLN D 342 -47.00 -22.22 -13.77
CA GLN D 342 -47.60 -20.89 -13.87
C GLN D 342 -48.44 -20.61 -12.63
N TYR D 343 -49.12 -19.47 -12.65
CA TYR D 343 -49.88 -18.99 -11.51
C TYR D 343 -51.25 -19.65 -11.45
N ASN D 344 -51.88 -19.56 -10.27
CA ASN D 344 -53.22 -20.09 -10.07
C ASN D 344 -54.15 -19.13 -9.34
N PHE D 345 -53.63 -18.09 -8.68
CA PHE D 345 -54.45 -17.13 -7.96
C PHE D 345 -55.24 -16.26 -8.96
N PRO D 346 -56.33 -15.62 -8.51
CA PRO D 346 -57.36 -15.17 -9.46
C PRO D 346 -56.95 -14.09 -10.44
N GLN D 347 -57.88 -13.72 -11.32
CA GLN D 347 -57.56 -12.90 -12.48
C GLN D 347 -57.20 -11.47 -12.09
N VAL D 348 -57.95 -10.86 -11.17
CA VAL D 348 -57.69 -9.46 -10.83
C VAL D 348 -56.34 -9.31 -10.13
N GLY D 349 -56.01 -10.26 -9.23
CA GLY D 349 -54.68 -10.26 -8.66
C GLY D 349 -53.61 -10.53 -9.69
N ARG D 350 -53.92 -11.40 -10.66
CA ARG D 350 -52.96 -11.70 -11.73
C ARG D 350 -52.63 -10.45 -12.53
N THR D 351 -53.64 -9.69 -12.93
CA THR D 351 -53.38 -8.49 -13.71
C THR D 351 -52.75 -7.39 -12.87
N ALA D 352 -53.10 -7.29 -11.59
CA ALA D 352 -52.44 -6.31 -10.74
C ALA D 352 -50.95 -6.63 -10.60
N LEU D 353 -50.61 -7.89 -10.35
CA LEU D 353 -49.22 -8.29 -10.22
C LEU D 353 -48.48 -8.11 -11.54
N ARG D 354 -49.11 -8.47 -12.66
CA ARG D 354 -48.45 -8.34 -13.96
C ARG D 354 -48.20 -6.88 -14.30
N VAL D 355 -49.16 -6.00 -14.03
CA VAL D 355 -48.98 -4.57 -14.30
C VAL D 355 -47.87 -4.01 -13.42
N LEU D 356 -47.87 -4.38 -12.13
CA LEU D 356 -46.83 -3.87 -11.24
C LEU D 356 -45.45 -4.37 -11.67
N GLN D 357 -45.35 -5.63 -12.08
CA GLN D 357 -44.09 -6.17 -12.55
C GLN D 357 -43.64 -5.50 -13.84
N LEU D 358 -44.57 -5.21 -14.75
CA LEU D 358 -44.24 -4.49 -15.96
C LEU D 358 -43.68 -3.11 -15.63
N VAL D 359 -44.40 -2.36 -14.79
CA VAL D 359 -43.96 -1.00 -14.46
C VAL D 359 -42.60 -1.04 -13.80
N ALA D 360 -42.51 -1.68 -12.63
CA ALA D 360 -41.24 -1.81 -11.92
C ALA D 360 -40.48 -2.97 -12.51
N GLY D 361 -39.63 -2.68 -13.49
CA GLY D 361 -38.95 -3.70 -14.25
C GLY D 361 -38.79 -3.33 -15.71
N PHE D 362 -39.69 -2.47 -16.21
CA PHE D 362 -39.48 -1.87 -17.52
C PHE D 362 -39.42 -0.36 -17.47
N LEU D 363 -40.42 0.30 -16.87
CA LEU D 363 -40.52 1.75 -17.00
C LEU D 363 -39.40 2.46 -16.24
N LEU D 364 -39.19 2.08 -14.99
CA LEU D 364 -38.14 2.74 -14.20
C LEU D 364 -36.75 2.53 -14.79
N PRO D 365 -36.31 1.31 -15.12
CA PRO D 365 -35.01 1.18 -15.78
C PRO D 365 -34.91 1.94 -17.09
N LEU D 366 -35.98 1.91 -17.91
CA LEU D 366 -35.94 2.63 -19.17
C LEU D 366 -35.86 4.13 -18.97
N LEU D 367 -36.64 4.67 -18.03
CA LEU D 367 -36.60 6.11 -17.78
C LEU D 367 -35.23 6.53 -17.26
N VAL D 368 -34.68 5.78 -16.32
CA VAL D 368 -33.37 6.12 -15.76
C VAL D 368 -32.30 6.05 -16.85
N MET D 369 -32.30 4.99 -17.64
CA MET D 369 -31.32 4.84 -18.71
C MET D 369 -31.44 5.95 -19.73
N ALA D 370 -32.67 6.27 -20.14
CA ALA D 370 -32.87 7.31 -21.15
C ALA D 370 -32.38 8.66 -20.65
N TYR D 371 -32.77 9.05 -19.43
CA TYR D 371 -32.34 10.33 -18.90
C TYR D 371 -30.83 10.40 -18.78
N CYS D 372 -30.23 9.39 -18.13
CA CYS D 372 -28.79 9.41 -17.89
C CYS D 372 -28.01 9.45 -19.20
N TYR D 373 -28.38 8.60 -20.17
CA TYR D 373 -27.62 8.54 -21.40
C TYR D 373 -27.89 9.73 -22.30
N ALA D 374 -29.08 10.33 -22.25
CA ALA D 374 -29.32 11.57 -22.98
C ALA D 374 -28.42 12.69 -22.45
N HIS D 375 -28.32 12.80 -21.12
CA HIS D 375 -27.44 13.83 -20.56
C HIS D 375 -25.98 13.54 -20.90
N ILE D 376 -25.57 12.27 -20.84
CA ILE D 376 -24.20 11.91 -21.20
C ILE D 376 -23.91 12.28 -22.64
N LEU D 377 -24.84 11.97 -23.56
CA LEU D 377 -24.64 12.30 -24.96
C LEU D 377 -24.57 13.80 -25.18
N ALA D 378 -25.40 14.58 -24.48
CA ALA D 378 -25.34 16.03 -24.61
C ALA D 378 -23.98 16.55 -24.14
N VAL D 379 -23.49 16.06 -23.00
CA VAL D 379 -22.20 16.50 -22.49
C VAL D 379 -21.08 16.14 -23.46
N LEU D 380 -21.12 14.92 -24.01
CA LEU D 380 -20.10 14.50 -24.96
C LEU D 380 -20.15 15.33 -26.24
N LEU D 381 -21.35 15.70 -26.68
CA LEU D 381 -21.48 16.57 -27.84
C LEU D 381 -20.86 17.94 -27.57
N VAL D 382 -21.09 18.49 -26.37
CA VAL D 382 -20.53 19.79 -26.04
C VAL D 382 -19.00 19.73 -26.03
N SER D 383 -18.44 18.67 -25.47
CA SER D 383 -16.99 18.57 -25.31
C SER D 383 -16.31 18.34 -26.66
N ARG D 384 -14.98 18.24 -26.62
CA ARG D 384 -14.16 18.05 -27.81
C ARG D 384 -13.07 17.05 -27.52
N GLY D 385 -12.55 16.43 -28.57
CA GLY D 385 -11.48 15.46 -28.42
C GLY D 385 -11.60 14.28 -29.36
N GLN D 386 -11.08 13.12 -28.93
CA GLN D 386 -11.13 11.91 -29.73
C GLN D 386 -11.89 10.77 -29.06
N ARG D 387 -11.80 10.63 -27.73
CA ARG D 387 -12.52 9.57 -27.04
C ARG D 387 -14.04 9.79 -27.06
N ARG D 388 -14.48 11.03 -27.26
CA ARG D 388 -15.91 11.30 -27.23
C ARG D 388 -16.65 10.60 -28.36
N LEU D 389 -16.01 10.44 -29.52
CA LEU D 389 -16.66 9.74 -30.63
C LEU D 389 -17.01 8.30 -30.25
N ARG D 390 -16.00 7.56 -29.76
CA ARG D 390 -16.25 6.19 -29.32
C ARG D 390 -17.22 6.15 -28.16
N ALA D 391 -17.18 7.16 -27.28
CA ALA D 391 -18.10 7.20 -26.16
C ALA D 391 -19.54 7.28 -26.63
N MET D 392 -19.83 8.22 -27.54
CA MET D 392 -21.19 8.33 -28.08
C MET D 392 -21.58 7.08 -28.85
N ARG D 393 -20.66 6.51 -29.62
CA ARG D 393 -20.98 5.29 -30.36
C ARG D 393 -21.39 4.17 -29.41
N LEU D 394 -20.61 3.95 -28.35
CA LEU D 394 -20.94 2.89 -27.40
C LEU D 394 -22.23 3.18 -26.65
N VAL D 395 -22.46 4.45 -26.28
CA VAL D 395 -23.69 4.80 -25.56
C VAL D 395 -24.91 4.52 -26.44
N VAL D 396 -24.83 4.95 -27.71
CA VAL D 396 -25.95 4.73 -28.63
C VAL D 396 -26.18 3.24 -28.85
N VAL D 397 -25.09 2.47 -28.99
CA VAL D 397 -25.23 1.04 -29.18
C VAL D 397 -25.90 0.39 -27.99
N VAL D 398 -25.49 0.77 -26.77
CA VAL D 398 -26.07 0.18 -25.56
C VAL D 398 -27.56 0.52 -25.47
N VAL D 399 -27.91 1.79 -25.70
CA VAL D 399 -29.31 2.20 -25.60
C VAL D 399 -30.15 1.48 -26.65
N VAL D 400 -29.63 1.38 -27.89
CA VAL D 400 -30.37 0.71 -28.95
C VAL D 400 -30.57 -0.76 -28.62
N ALA D 401 -29.53 -1.43 -28.12
CA ALA D 401 -29.65 -2.84 -27.77
C ALA D 401 -30.69 -3.05 -26.68
N PHE D 402 -30.66 -2.21 -25.64
CA PHE D 402 -31.64 -2.36 -24.57
C PHE D 402 -33.06 -2.14 -25.09
N ALA D 403 -33.28 -1.03 -25.81
CA ALA D 403 -34.61 -0.72 -26.30
C ALA D 403 -35.10 -1.71 -27.35
N LEU D 404 -34.18 -2.43 -28.00
CA LEU D 404 -34.55 -3.41 -29.01
C LEU D 404 -34.82 -4.79 -28.41
N CYS D 405 -34.18 -5.12 -27.29
CA CYS D 405 -34.33 -6.44 -26.70
C CYS D 405 -35.34 -6.48 -25.55
N TRP D 406 -35.20 -5.59 -24.56
CA TRP D 406 -36.05 -5.67 -23.38
C TRP D 406 -37.49 -5.22 -23.66
N THR D 407 -37.72 -4.49 -24.74
CA THR D 407 -39.04 -3.94 -25.00
C THR D 407 -40.03 -4.96 -25.58
N PRO D 408 -39.67 -5.73 -26.62
CA PRO D 408 -40.69 -6.59 -27.27
C PRO D 408 -41.50 -7.44 -26.31
N TYR D 409 -40.85 -8.15 -25.39
CA TYR D 409 -41.57 -8.96 -24.41
C TYR D 409 -42.46 -8.09 -23.54
N HIS D 410 -42.02 -6.88 -23.22
CA HIS D 410 -42.83 -6.06 -22.33
C HIS D 410 -44.05 -5.48 -23.02
N LEU D 411 -43.92 -5.19 -24.31
CA LEU D 411 -45.08 -4.65 -25.08
C LEU D 411 -46.05 -5.80 -25.37
N VAL D 412 -45.56 -7.02 -25.50
CA VAL D 412 -46.46 -8.17 -25.67
C VAL D 412 -47.17 -8.50 -24.36
N VAL D 413 -46.46 -8.34 -23.23
CA VAL D 413 -47.11 -8.50 -21.92
C VAL D 413 -48.18 -7.43 -21.73
N LEU D 414 -47.89 -6.20 -22.16
CA LEU D 414 -48.86 -5.12 -22.01
C LEU D 414 -50.11 -5.37 -22.85
N VAL D 415 -49.95 -5.84 -24.08
CA VAL D 415 -51.11 -6.11 -24.91
C VAL D 415 -51.90 -7.29 -24.36
N ASP D 416 -51.21 -8.29 -23.79
CA ASP D 416 -51.93 -9.37 -23.11
C ASP D 416 -52.74 -8.82 -21.93
N ILE D 417 -52.13 -7.95 -21.13
CA ILE D 417 -52.83 -7.37 -19.98
C ILE D 417 -54.07 -6.62 -20.44
N LEU D 418 -53.89 -5.72 -21.42
CA LEU D 418 -55.04 -4.88 -21.83
C LEU D 418 -56.11 -5.78 -22.46
N MET D 419 -55.70 -6.82 -23.19
CA MET D 419 -56.68 -7.74 -23.73
C MET D 419 -57.49 -8.39 -22.61
N ASP D 420 -56.84 -8.77 -21.52
CA ASP D 420 -57.59 -9.29 -20.37
C ASP D 420 -57.94 -8.16 -19.39
N LEU D 421 -58.47 -7.08 -19.95
CA LEU D 421 -58.99 -5.98 -19.10
C LEU D 421 -60.16 -5.34 -19.84
N GLY D 422 -60.98 -6.16 -20.52
CA GLY D 422 -62.15 -5.66 -21.20
C GLY D 422 -61.81 -4.87 -22.44
N ALA D 423 -61.23 -5.56 -23.43
CA ALA D 423 -60.80 -4.94 -24.68
C ALA D 423 -61.18 -5.88 -25.82
N LEU D 424 -60.38 -5.78 -26.89
CA LEU D 424 -60.62 -6.56 -28.14
C LEU D 424 -60.98 -8.01 -27.84
N ALA D 425 -61.90 -8.56 -28.63
CA ALA D 425 -62.20 -9.96 -28.39
C ALA D 425 -61.03 -10.85 -28.80
N ARG D 426 -60.91 -11.99 -28.14
CA ARG D 426 -59.85 -12.94 -28.40
C ARG D 426 -60.43 -14.16 -29.13
N ASN D 427 -59.74 -14.61 -30.16
CA ASN D 427 -60.06 -15.84 -30.87
C ASN D 427 -58.83 -16.73 -30.85
N CYS D 428 -58.91 -17.86 -31.57
CA CYS D 428 -57.78 -18.78 -31.63
C CYS D 428 -56.56 -18.12 -32.26
N GLY D 429 -56.77 -17.34 -33.32
CA GLY D 429 -55.66 -16.65 -33.96
C GLY D 429 -54.98 -15.65 -33.04
N ARG D 430 -55.77 -14.91 -32.26
CA ARG D 430 -55.20 -13.93 -31.34
C ARG D 430 -54.31 -14.61 -30.30
N GLU D 431 -54.82 -15.69 -29.70
CA GLU D 431 -54.04 -16.39 -28.69
C GLU D 431 -52.78 -17.02 -29.28
N SER D 432 -52.90 -17.61 -30.47
CA SER D 432 -51.73 -18.20 -31.11
C SER D 432 -50.67 -17.15 -31.42
N ARG D 433 -51.11 -15.99 -31.95
CA ARG D 433 -50.17 -14.92 -32.23
C ARG D 433 -49.52 -14.41 -30.95
N VAL D 434 -50.31 -14.27 -29.87
CA VAL D 434 -49.75 -13.81 -28.59
C VAL D 434 -48.69 -14.79 -28.11
N ASP D 435 -48.97 -16.10 -28.19
CA ASP D 435 -48.03 -17.09 -27.67
C ASP D 435 -46.76 -17.13 -28.50
N VAL D 436 -46.88 -17.11 -29.84
CA VAL D 436 -45.67 -17.15 -30.67
C VAL D 436 -44.87 -15.86 -30.50
N ALA D 437 -45.55 -14.72 -30.32
CA ALA D 437 -44.85 -13.48 -30.04
C ALA D 437 -44.10 -13.57 -28.72
N LYS D 438 -44.73 -14.17 -27.70
CA LYS D 438 -44.06 -14.34 -26.42
C LYS D 438 -42.81 -15.19 -26.57
N SER D 439 -42.90 -16.28 -27.35
CA SER D 439 -41.75 -17.14 -27.56
C SER D 439 -40.61 -16.39 -28.25
N VAL D 440 -40.93 -15.65 -29.32
CA VAL D 440 -39.90 -14.92 -30.05
C VAL D 440 -39.28 -13.84 -29.18
N THR D 441 -40.11 -13.12 -28.43
CA THR D 441 -39.60 -12.05 -27.56
C THR D 441 -38.72 -12.61 -26.46
N SER D 442 -39.06 -13.77 -25.91
CA SER D 442 -38.20 -14.37 -24.90
C SER D 442 -36.89 -14.87 -25.50
N GLY D 443 -36.93 -15.36 -26.74
CA GLY D 443 -35.67 -15.65 -27.43
C GLY D 443 -34.80 -14.41 -27.57
N LEU D 444 -35.42 -13.28 -27.91
CA LEU D 444 -34.69 -12.02 -27.97
C LEU D 444 -34.11 -11.64 -26.61
N GLY D 445 -34.90 -11.83 -25.56
CA GLY D 445 -34.40 -11.53 -24.22
C GLY D 445 -33.21 -12.37 -23.83
N TYR D 446 -33.29 -13.67 -24.16
CA TYR D 446 -32.17 -14.59 -23.84
C TYR D 446 -30.93 -14.18 -24.62
N MET D 447 -31.10 -13.82 -25.89
CA MET D 447 -29.95 -13.41 -26.69
C MET D 447 -29.35 -12.12 -26.14
N HIS D 448 -30.18 -11.20 -25.63
CA HIS D 448 -29.64 -10.02 -24.97
C HIS D 448 -28.88 -10.40 -23.70
N CYS D 449 -29.39 -11.38 -22.97
CA CYS D 449 -28.69 -11.86 -21.78
C CYS D 449 -27.30 -12.36 -22.15
N CYS D 450 -27.20 -13.19 -23.19
CA CYS D 450 -25.89 -13.67 -23.63
C CYS D 450 -25.03 -12.59 -24.27
N LEU D 451 -25.64 -11.50 -24.73
CA LEU D 451 -24.91 -10.42 -25.39
C LEU D 451 -24.39 -9.37 -24.41
N ASN D 452 -25.02 -9.22 -23.25
CA ASN D 452 -24.65 -8.16 -22.30
C ASN D 452 -23.17 -8.13 -21.93
N PRO D 453 -22.51 -9.25 -21.59
CA PRO D 453 -21.08 -9.15 -21.25
C PRO D 453 -20.23 -8.63 -22.39
N LEU D 454 -20.56 -8.99 -23.63
CA LEU D 454 -19.81 -8.47 -24.77
C LEU D 454 -19.96 -6.96 -24.89
N LEU D 455 -21.17 -6.45 -24.67
CA LEU D 455 -21.44 -5.03 -24.85
C LEU D 455 -21.02 -4.18 -23.66
N TYR D 456 -20.77 -4.80 -22.50
CA TYR D 456 -20.46 -4.02 -21.31
C TYR D 456 -19.03 -4.22 -20.78
N ALA D 457 -18.37 -5.32 -21.11
CA ALA D 457 -17.05 -5.61 -20.58
C ALA D 457 -15.97 -5.62 -21.66
N PHE D 458 -16.15 -6.42 -22.72
CA PHE D 458 -15.10 -6.58 -23.72
C PHE D 458 -14.89 -5.35 -24.58
N VAL D 459 -15.82 -4.39 -24.57
CA VAL D 459 -15.67 -3.19 -25.37
C VAL D 459 -14.80 -2.14 -24.70
N GLY D 460 -14.44 -2.33 -23.43
CA GLY D 460 -13.59 -1.40 -22.71
C GLY D 460 -12.14 -1.85 -22.73
N VAL D 461 -11.24 -0.89 -22.95
CA VAL D 461 -9.82 -1.21 -23.04
C VAL D 461 -9.28 -1.68 -21.69
N LYS D 462 -9.78 -1.10 -20.60
CA LYS D 462 -9.30 -1.48 -19.28
C LYS D 462 -9.60 -2.93 -18.96
N PHE D 463 -10.81 -3.39 -19.28
CA PHE D 463 -11.17 -4.78 -19.01
C PHE D 463 -10.34 -5.73 -19.87
N ARG D 464 -10.14 -5.39 -21.15
CA ARG D 464 -9.33 -6.25 -22.01
C ARG D 464 -7.89 -6.34 -21.51
N GLU D 465 -7.32 -5.20 -21.09
CA GLU D 465 -5.96 -5.22 -20.54
C GLU D 465 -5.90 -6.06 -19.27
N ARG D 466 -6.89 -5.91 -18.39
CA ARG D 466 -6.91 -6.69 -17.16
C ARG D 466 -7.01 -8.18 -17.45
N MET D 467 -7.85 -8.56 -18.43
CA MET D 467 -8.03 -9.97 -18.72
C MET D 467 -6.81 -10.56 -19.40
N TRP D 468 -6.14 -9.80 -20.26
CA TRP D 468 -4.86 -10.25 -20.80
C TRP D 468 -3.81 -10.43 -19.70
N MET D 469 -3.75 -9.48 -18.75
CA MET D 469 -2.80 -9.59 -17.66
C MET D 469 -3.09 -10.82 -16.81
N LEU D 470 -4.36 -11.11 -16.55
CA LEU D 470 -4.72 -12.32 -15.83
C LEU D 470 -4.36 -13.56 -16.62
N LEU D 471 -4.55 -13.53 -17.93
CA LEU D 471 -4.24 -14.69 -18.76
C LEU D 471 -2.74 -14.98 -18.78
N LEU D 472 -1.92 -13.94 -18.80
CA LEU D 472 -0.47 -14.15 -18.91
C LEU D 472 0.09 -14.90 -17.71
N ARG D 473 -0.57 -14.83 -16.56
CA ARG D 473 -0.12 -15.51 -15.35
C ARG D 473 -0.99 -16.72 -15.02
N LEU D 474 -1.63 -17.31 -16.02
CA LEU D 474 -2.50 -18.46 -15.82
C LEU D 474 -1.74 -19.65 -15.25
N VAL E 2 4.78 13.46 31.19
CA VAL E 2 3.74 12.43 31.25
C VAL E 2 3.18 12.34 32.66
N GLN E 3 1.88 12.60 32.81
CA GLN E 3 1.25 12.49 34.11
C GLN E 3 -0.25 12.29 33.94
N LEU E 4 -0.82 11.56 34.90
CA LEU E 4 -2.26 11.36 35.01
C LEU E 4 -2.68 11.85 36.39
N VAL E 5 -3.63 12.78 36.42
CA VAL E 5 -4.09 13.37 37.67
C VAL E 5 -5.56 13.02 37.85
N GLU E 6 -5.89 12.40 38.97
CA GLU E 6 -7.25 11.96 39.26
C GLU E 6 -7.94 12.92 40.21
N SER E 7 -9.27 12.93 40.14
CA SER E 7 -10.09 13.78 40.99
C SER E 7 -11.49 13.17 41.09
N GLY E 8 -12.23 13.62 42.10
CA GLY E 8 -13.59 13.16 42.32
C GLY E 8 -13.80 12.31 43.55
N GLY E 9 -12.76 12.06 44.35
CA GLY E 9 -12.90 11.27 45.54
C GLY E 9 -13.55 12.04 46.68
N GLY E 10 -13.72 11.34 47.80
CA GLY E 10 -14.33 11.93 48.96
C GLY E 10 -15.24 10.94 49.65
N LEU E 11 -16.14 11.45 50.49
CA LEU E 11 -17.02 10.63 51.31
C LEU E 11 -18.41 10.60 50.68
N VAL E 12 -18.94 9.39 50.49
CA VAL E 12 -20.23 9.19 49.82
C VAL E 12 -21.09 8.28 50.67
N GLN E 13 -22.37 8.63 50.81
CA GLN E 13 -23.32 7.77 51.49
C GLN E 13 -23.60 6.53 50.65
N PRO E 14 -23.93 5.41 51.28
CA PRO E 14 -24.25 4.19 50.52
C PRO E 14 -25.43 4.41 49.59
N GLY E 15 -25.36 3.79 48.42
CA GLY E 15 -26.40 3.94 47.42
C GLY E 15 -26.32 5.20 46.58
N GLY E 16 -25.30 6.02 46.78
CA GLY E 16 -25.14 7.25 46.02
C GLY E 16 -24.51 6.99 44.66
N SER E 17 -23.99 8.07 44.08
CA SER E 17 -23.34 8.01 42.78
C SER E 17 -22.13 8.93 42.79
N ARG E 18 -21.13 8.57 41.98
CA ARG E 18 -19.91 9.36 41.88
C ARG E 18 -19.35 9.25 40.48
N LYS E 19 -18.48 10.21 40.14
CA LYS E 19 -17.84 10.27 38.82
C LYS E 19 -16.39 10.67 39.04
N LEU E 20 -15.49 9.69 38.92
CA LEU E 20 -14.06 9.98 39.01
C LEU E 20 -13.53 10.39 37.65
N SER E 21 -12.64 11.38 37.66
CA SER E 21 -12.03 11.90 36.43
C SER E 21 -10.53 11.73 36.50
N CYS E 22 -9.94 11.48 35.32
CA CYS E 22 -8.50 11.25 35.19
C CYS E 22 -8.03 12.06 33.99
N SER E 23 -7.32 13.14 34.25
CA SER E 23 -6.82 14.03 33.21
C SER E 23 -5.38 13.66 32.88
N ALA E 24 -5.11 13.45 31.60
CA ALA E 24 -3.82 12.99 31.11
C ALA E 24 -3.12 14.12 30.37
N SER E 25 -1.83 14.32 30.66
CA SER E 25 -1.05 15.33 29.97
C SER E 25 0.36 14.84 29.73
N GLY E 26 0.89 15.12 28.54
CA GLY E 26 2.25 14.78 28.20
C GLY E 26 2.42 13.56 27.32
N PHE E 27 1.34 12.95 26.85
CA PHE E 27 1.44 11.80 25.95
C PHE E 27 0.19 11.73 25.09
N ALA E 28 0.28 10.93 24.02
CA ALA E 28 -0.84 10.77 23.09
C ALA E 28 -1.92 9.93 23.73
N PHE E 29 -2.91 10.59 24.35
CA PHE E 29 -3.94 9.88 25.10
C PHE E 29 -4.77 8.97 24.21
N SER E 30 -4.95 9.34 22.94
CA SER E 30 -5.82 8.56 22.06
C SER E 30 -5.25 7.19 21.72
N SER E 31 -3.94 7.00 21.85
CA SER E 31 -3.29 5.77 21.46
C SER E 31 -3.13 4.77 22.60
N PHE E 32 -3.58 5.09 23.80
CA PHE E 32 -3.38 4.26 24.98
C PHE E 32 -4.72 3.76 25.49
N GLY E 33 -4.81 2.45 25.74
CA GLY E 33 -5.90 1.93 26.53
C GLY E 33 -5.75 2.33 27.98
N MET E 34 -6.89 2.44 28.67
CA MET E 34 -6.90 2.96 30.03
C MET E 34 -7.60 2.01 30.97
N HIS E 35 -6.97 1.74 32.12
CA HIS E 35 -7.53 0.90 33.16
C HIS E 35 -7.78 1.72 34.42
N TRP E 36 -8.84 1.36 35.12
CA TRP E 36 -9.08 1.79 36.48
C TRP E 36 -8.78 0.61 37.39
N VAL E 37 -7.86 0.81 38.34
CA VAL E 37 -7.45 -0.23 39.28
C VAL E 37 -7.56 0.33 40.69
N ARG E 38 -8.26 -0.38 41.57
CA ARG E 38 -8.49 0.12 42.91
C ARG E 38 -7.75 -0.72 43.95
N GLN E 39 -7.38 -0.06 45.05
CA GLN E 39 -6.70 -0.70 46.17
C GLN E 39 -7.46 -0.38 47.45
N ALA E 40 -7.93 -1.42 48.13
CA ALA E 40 -8.63 -1.23 49.39
C ALA E 40 -7.63 -0.84 50.49
N PRO E 41 -8.11 -0.15 51.53
CA PRO E 41 -7.21 0.20 52.65
C PRO E 41 -6.59 -1.03 53.27
N GLU E 42 -5.26 -1.07 53.26
CA GLU E 42 -4.48 -2.21 53.78
C GLU E 42 -4.92 -3.51 53.12
N LYS E 43 -4.84 -3.52 51.79
CA LYS E 43 -5.20 -4.70 51.01
C LYS E 43 -4.52 -4.61 49.65
N GLY E 44 -4.51 -5.72 48.93
CA GLY E 44 -3.87 -5.76 47.64
C GLY E 44 -4.66 -5.04 46.57
N LEU E 45 -3.98 -4.77 45.45
CA LEU E 45 -4.61 -4.10 44.33
C LEU E 45 -5.63 -5.03 43.66
N GLU E 46 -6.68 -4.42 43.12
CA GLU E 46 -7.72 -5.17 42.44
C GLU E 46 -8.13 -4.44 41.17
N TRP E 47 -8.16 -5.16 40.06
CA TRP E 47 -8.54 -4.58 38.78
C TRP E 47 -10.03 -4.24 38.79
N VAL E 48 -10.38 -3.11 38.16
CA VAL E 48 -11.76 -2.64 38.17
C VAL E 48 -12.32 -2.57 36.75
N ALA E 49 -11.71 -1.76 35.89
CA ALA E 49 -12.30 -1.56 34.58
C ALA E 49 -11.24 -1.27 33.53
N TYR E 50 -11.61 -1.46 32.26
CA TYR E 50 -10.69 -1.23 31.15
C TYR E 50 -11.46 -0.74 29.94
N ILE E 51 -10.93 0.28 29.26
CA ILE E 51 -11.47 0.77 28.00
C ILE E 51 -10.33 0.90 27.01
N SER E 52 -10.53 0.36 25.80
CA SER E 52 -9.46 0.30 24.81
C SER E 52 -9.26 1.66 24.16
N SER E 53 -8.41 1.71 23.14
CA SER E 53 -8.19 2.92 22.37
C SER E 53 -9.26 3.02 21.29
N GLY E 54 -9.96 4.15 21.25
CA GLY E 54 -11.12 4.27 20.39
C GLY E 54 -12.40 3.72 20.99
N SER E 55 -12.36 3.29 22.26
CA SER E 55 -13.53 2.78 22.97
C SER E 55 -14.15 1.58 22.27
N GLY E 56 -13.34 0.82 21.53
CA GLY E 56 -13.87 -0.35 20.83
C GLY E 56 -14.35 -1.44 21.76
N THR E 57 -13.56 -1.76 22.78
CA THR E 57 -13.89 -2.83 23.72
C THR E 57 -13.80 -2.30 25.15
N ILE E 58 -14.73 -2.74 25.99
CA ILE E 58 -14.81 -2.32 27.38
C ILE E 58 -14.98 -3.57 28.24
N TYR E 59 -14.21 -3.64 29.33
CA TYR E 59 -14.25 -4.79 30.23
C TYR E 59 -14.43 -4.31 31.67
N TYR E 60 -15.22 -5.06 32.43
CA TYR E 60 -15.47 -4.76 33.84
C TYR E 60 -15.20 -5.99 34.69
N ALA E 61 -14.81 -5.75 35.94
CA ALA E 61 -14.71 -6.83 36.90
C ALA E 61 -16.09 -7.30 37.33
N ASP E 62 -16.15 -8.53 37.85
CA ASP E 62 -17.43 -9.10 38.24
C ASP E 62 -18.07 -8.31 39.38
N THR E 63 -17.27 -7.89 40.36
CA THR E 63 -17.82 -7.22 41.53
C THR E 63 -18.37 -5.84 41.22
N VAL E 64 -17.98 -5.23 40.10
CA VAL E 64 -18.42 -3.90 39.73
C VAL E 64 -19.20 -3.88 38.43
N LYS E 65 -19.47 -5.04 37.83
CA LYS E 65 -20.19 -5.08 36.57
C LYS E 65 -21.65 -4.73 36.78
N GLY E 66 -22.18 -3.88 35.91
CA GLY E 66 -23.59 -3.51 35.99
C GLY E 66 -23.82 -2.14 36.57
N ARG E 67 -23.07 -1.78 37.62
CA ARG E 67 -23.24 -0.50 38.28
C ARG E 67 -22.04 0.43 38.09
N PHE E 68 -21.06 0.05 37.29
CA PHE E 68 -19.93 0.90 36.94
C PHE E 68 -19.93 1.13 35.44
N THR E 69 -19.38 2.27 35.02
CA THR E 69 -19.29 2.59 33.60
C THR E 69 -18.05 3.42 33.36
N ILE E 70 -17.14 2.91 32.53
CA ILE E 70 -15.90 3.58 32.20
C ILE E 70 -16.03 4.17 30.80
N SER E 71 -15.58 5.41 30.63
CA SER E 71 -15.67 6.08 29.34
C SER E 71 -14.46 6.99 29.19
N ARG E 72 -14.23 7.46 27.96
CA ARG E 72 -13.12 8.35 27.70
C ARG E 72 -13.55 9.42 26.70
N ASP E 73 -12.96 10.60 26.85
CA ASP E 73 -13.14 11.70 25.90
C ASP E 73 -11.76 12.13 25.45
N ASP E 74 -11.43 11.84 24.19
CA ASP E 74 -10.10 12.02 23.63
C ASP E 74 -9.79 13.48 23.29
N PRO E 75 -10.72 14.25 22.71
CA PRO E 75 -10.40 15.67 22.43
C PRO E 75 -9.95 16.43 23.67
N LYS E 76 -10.54 16.16 24.83
CA LYS E 76 -10.15 16.85 26.06
C LYS E 76 -9.17 16.04 26.91
N ASN E 77 -8.80 14.83 26.48
CA ASN E 77 -7.84 13.98 27.17
C ASN E 77 -8.29 13.69 28.61
N THR E 78 -9.44 13.04 28.72
CA THR E 78 -10.00 12.76 30.04
C THR E 78 -10.62 11.36 30.06
N LEU E 79 -10.54 10.73 31.23
CA LEU E 79 -11.12 9.41 31.46
C LEU E 79 -12.13 9.52 32.60
N PHE E 80 -13.31 8.96 32.42
CA PHE E 80 -14.39 9.04 33.40
C PHE E 80 -14.75 7.65 33.91
N LEU E 81 -15.04 7.56 35.20
CA LEU E 81 -15.60 6.36 35.81
C LEU E 81 -16.83 6.77 36.59
N GLN E 82 -18.01 6.45 36.06
CA GLN E 82 -19.29 6.74 36.71
C GLN E 82 -19.77 5.49 37.44
N MET E 83 -19.92 5.59 38.75
CA MET E 83 -20.32 4.45 39.56
C MET E 83 -21.53 4.82 40.40
N THR E 84 -22.53 3.95 40.38
CA THR E 84 -23.77 4.12 41.12
C THR E 84 -23.96 2.97 42.08
N SER E 85 -24.83 3.18 43.07
CA SER E 85 -25.12 2.18 44.11
C SER E 85 -23.84 1.75 44.84
N LEU E 86 -23.07 2.75 45.27
CA LEU E 86 -21.81 2.51 45.96
C LEU E 86 -22.09 1.84 47.31
N ARG E 87 -21.73 0.57 47.43
CA ARG E 87 -21.88 -0.13 48.69
C ARG E 87 -20.65 0.13 49.57
N SER E 88 -20.66 -0.44 50.78
CA SER E 88 -19.58 -0.21 51.73
C SER E 88 -18.28 -0.89 51.34
N GLU E 89 -18.28 -1.76 50.33
CA GLU E 89 -17.08 -2.45 49.90
C GLU E 89 -16.33 -1.73 48.79
N ASP E 90 -16.81 -0.57 48.35
CA ASP E 90 -16.16 0.19 47.29
C ASP E 90 -15.23 1.27 47.82
N THR E 91 -15.09 1.40 49.13
CA THR E 91 -14.15 2.37 49.69
C THR E 91 -12.72 1.91 49.41
N ALA E 92 -11.97 2.73 48.69
CA ALA E 92 -10.64 2.35 48.23
C ALA E 92 -9.93 3.59 47.71
N MET E 93 -8.77 3.38 47.10
CA MET E 93 -8.05 4.39 46.34
C MET E 93 -7.96 3.93 44.90
N TYR E 94 -8.38 4.78 43.98
CA TYR E 94 -8.49 4.42 42.57
C TYR E 94 -7.32 5.02 41.79
N TYR E 95 -6.76 4.21 40.89
CA TYR E 95 -5.60 4.56 40.09
C TYR E 95 -5.95 4.46 38.61
N CYS E 96 -5.45 5.43 37.86
CA CYS E 96 -5.62 5.52 36.41
C CYS E 96 -4.33 5.03 35.76
N VAL E 97 -4.43 3.94 34.99
CA VAL E 97 -3.27 3.28 34.42
C VAL E 97 -3.37 3.32 32.90
N ARG E 98 -2.27 3.65 32.24
CA ARG E 98 -2.21 3.64 30.79
C ARG E 98 -1.48 2.39 30.32
N SER E 99 -1.92 1.85 29.18
CA SER E 99 -1.31 0.66 28.63
C SER E 99 -1.52 0.62 27.13
N ILE E 100 -0.43 0.45 26.38
CA ILE E 100 -0.47 0.38 24.93
C ILE E 100 -0.07 -1.04 24.51
N TYR E 101 -0.77 -1.58 23.52
CA TYR E 101 -0.61 -2.96 23.11
C TYR E 101 -0.19 -3.04 21.65
N TYR E 102 1.06 -3.42 21.42
CA TYR E 102 1.53 -3.88 20.13
C TYR E 102 2.66 -4.87 20.37
N TYR E 103 3.40 -5.20 19.33
CA TYR E 103 4.49 -6.17 19.49
C TYR E 103 5.66 -5.51 20.20
N GLY E 104 6.05 -6.08 21.35
CA GLY E 104 7.18 -5.56 22.09
C GLY E 104 6.88 -4.35 22.94
N SER E 105 5.62 -4.04 23.18
CA SER E 105 5.26 -2.91 24.02
C SER E 105 5.34 -3.30 25.49
N SER E 106 5.15 -2.32 26.37
CA SER E 106 5.17 -2.54 27.82
C SER E 106 3.90 -1.93 28.42
N PRO E 107 2.81 -2.71 28.49
CA PRO E 107 1.59 -2.20 29.09
C PRO E 107 1.75 -1.99 30.59
N PHE E 108 0.83 -1.20 31.15
CA PHE E 108 0.79 -0.88 32.58
C PHE E 108 2.06 -0.14 33.02
N ASP E 109 2.67 0.63 32.11
CA ASP E 109 3.93 1.26 32.41
C ASP E 109 3.81 2.48 33.32
N PHE E 110 2.70 3.21 33.26
CA PHE E 110 2.54 4.42 34.05
C PHE E 110 1.23 4.37 34.84
N TRP E 111 1.31 4.80 36.11
CA TRP E 111 0.18 4.80 37.02
C TRP E 111 -0.09 6.22 37.50
N GLY E 112 -1.36 6.56 37.66
CA GLY E 112 -1.73 7.84 38.23
C GLY E 112 -1.55 7.86 39.73
N GLN E 113 -1.77 9.04 40.31
CA GLN E 113 -1.62 9.19 41.75
C GLN E 113 -2.79 8.59 42.52
N GLY E 114 -3.98 8.57 41.92
CA GLY E 114 -5.14 7.96 42.53
C GLY E 114 -5.90 8.90 43.44
N THR E 115 -7.17 8.57 43.65
CA THR E 115 -8.04 9.34 44.54
C THR E 115 -8.75 8.41 45.50
N THR E 116 -8.91 8.86 46.75
CA THR E 116 -9.53 8.06 47.79
C THR E 116 -11.02 8.34 47.83
N LEU E 117 -11.83 7.28 47.76
CA LEU E 117 -13.26 7.39 47.98
C LEU E 117 -13.65 6.47 49.12
N THR E 118 -14.34 7.02 50.11
CA THR E 118 -14.81 6.27 51.26
C THR E 118 -16.34 6.30 51.30
N VAL E 119 -16.93 5.15 51.60
CA VAL E 119 -18.38 5.00 51.71
C VAL E 119 -18.70 4.66 53.16
N SER E 120 -19.59 5.44 53.76
CA SER E 120 -19.95 5.25 55.16
C SER E 120 -20.79 3.98 55.32
N SER E 121 -21.20 3.73 56.56
CA SER E 121 -22.02 2.56 56.87
C SER E 121 -23.37 2.97 57.44
N SER E 136 -12.29 -19.63 40.71
CA SER E 136 -13.24 -19.61 39.62
C SER E 136 -12.55 -19.36 38.29
N ASP E 137 -12.15 -18.11 38.04
CA ASP E 137 -11.49 -17.77 36.78
C ASP E 137 -10.00 -18.09 36.84
N ILE E 138 -9.26 -17.42 37.73
CA ILE E 138 -7.83 -17.61 37.89
C ILE E 138 -7.39 -16.92 39.18
N VAL E 139 -6.42 -17.51 39.88
CA VAL E 139 -5.93 -16.94 41.13
C VAL E 139 -4.41 -16.89 41.10
N MET E 140 -3.85 -15.81 41.65
CA MET E 140 -2.41 -15.64 41.78
C MET E 140 -2.05 -15.69 43.26
N THR E 141 -1.11 -16.57 43.61
CA THR E 141 -0.78 -16.83 45.00
C THR E 141 0.65 -16.42 45.30
N GLN E 142 0.82 -15.59 46.33
CA GLN E 142 2.13 -15.23 46.85
C GLN E 142 2.17 -15.72 48.30
N ALA E 143 2.84 -16.86 48.52
CA ALA E 143 2.79 -17.52 49.82
C ALA E 143 3.38 -16.64 50.92
N THR E 144 4.53 -16.02 50.65
CA THR E 144 5.19 -15.19 51.65
C THR E 144 4.59 -13.78 51.62
N SER E 145 4.42 -13.20 52.81
CA SER E 145 3.85 -11.87 52.95
C SER E 145 4.82 -10.82 53.46
N SER E 146 5.91 -11.22 54.13
CA SER E 146 6.88 -10.26 54.65
C SER E 146 8.18 -11.00 54.93
N VAL E 147 9.29 -10.43 54.47
CA VAL E 147 10.62 -10.98 54.73
C VAL E 147 11.50 -9.90 55.32
N PRO E 148 12.32 -10.21 56.33
CA PRO E 148 13.27 -9.24 56.87
C PRO E 148 14.58 -9.29 56.10
N VAL E 149 14.96 -8.17 55.50
CA VAL E 149 16.12 -8.13 54.60
C VAL E 149 17.03 -6.99 55.02
N THR E 150 18.32 -7.11 54.69
CA THR E 150 19.42 -6.19 54.90
C THR E 150 19.95 -5.70 53.57
N PRO E 151 20.40 -4.44 53.50
CA PRO E 151 20.94 -3.92 52.24
C PRO E 151 22.20 -4.68 51.81
N GLY E 152 22.37 -4.79 50.50
CA GLY E 152 23.52 -5.46 49.93
C GLY E 152 23.35 -6.94 49.66
N GLU E 153 22.22 -7.53 50.04
CA GLU E 153 21.98 -8.95 49.83
C GLU E 153 20.92 -9.16 48.76
N SER E 154 20.87 -10.39 48.24
CA SER E 154 19.95 -10.76 47.17
C SER E 154 18.66 -11.31 47.77
N VAL E 155 17.53 -10.96 47.16
CA VAL E 155 16.22 -11.38 47.60
C VAL E 155 15.52 -12.08 46.45
N SER E 156 14.77 -13.13 46.78
CA SER E 156 13.95 -13.86 45.81
C SER E 156 12.50 -13.83 46.27
N ILE E 157 11.62 -13.37 45.38
CA ILE E 157 10.18 -13.29 45.66
C ILE E 157 9.48 -14.23 44.68
N SER E 158 8.65 -15.12 45.20
CA SER E 158 8.04 -16.17 44.40
C SER E 158 6.55 -15.92 44.23
N CYS E 159 6.04 -16.19 43.03
CA CYS E 159 4.63 -16.08 42.72
C CYS E 159 4.20 -17.36 41.99
N ARG E 160 2.94 -17.73 42.20
CA ARG E 160 2.40 -18.97 41.66
C ARG E 160 0.97 -18.73 41.18
N SER E 161 0.61 -19.38 40.07
CA SER E 161 -0.71 -19.22 39.47
C SER E 161 -1.44 -20.56 39.44
N SER E 162 -2.77 -20.48 39.39
CA SER E 162 -3.57 -21.70 39.24
C SER E 162 -3.46 -22.27 37.84
N LYS E 163 -3.46 -21.41 36.82
CA LYS E 163 -3.37 -21.81 35.43
C LYS E 163 -2.06 -21.34 34.85
N SER E 164 -1.47 -22.16 33.97
CA SER E 164 -0.19 -21.81 33.37
C SER E 164 -0.33 -20.54 32.54
N LEU E 165 0.59 -19.60 32.75
CA LEU E 165 0.58 -18.32 32.05
C LEU E 165 1.24 -18.40 30.68
N LEU E 166 1.92 -19.49 30.37
CA LEU E 166 2.52 -19.66 29.04
C LEU E 166 1.43 -19.76 27.98
N HIS E 167 1.71 -19.21 26.81
CA HIS E 167 0.77 -19.23 25.70
C HIS E 167 1.40 -19.93 24.50
N SER E 168 0.56 -20.24 23.52
CA SER E 168 1.02 -20.96 22.34
C SER E 168 1.98 -20.13 21.48
N ASN E 169 2.01 -18.82 21.66
CA ASN E 169 2.92 -17.96 20.91
C ASN E 169 4.25 -17.75 21.61
N GLY E 170 4.48 -18.43 22.75
CA GLY E 170 5.74 -18.34 23.45
C GLY E 170 5.83 -17.25 24.49
N ASN E 171 4.77 -16.49 24.71
CA ASN E 171 4.78 -15.40 25.67
C ASN E 171 4.19 -15.85 26.99
N THR E 172 4.87 -15.55 28.09
CA THR E 172 4.38 -15.79 29.43
C THR E 172 3.93 -14.46 30.02
N TYR E 173 2.63 -14.30 30.20
CA TYR E 173 2.04 -13.01 30.57
C TYR E 173 2.04 -12.85 32.09
N LEU E 174 3.19 -12.46 32.63
CA LEU E 174 3.33 -12.16 34.04
C LEU E 174 4.04 -10.83 34.20
N TYR E 175 3.52 -9.99 35.10
CA TYR E 175 4.02 -8.64 35.31
C TYR E 175 4.35 -8.45 36.79
N TRP E 176 5.49 -7.82 37.05
CA TRP E 176 5.94 -7.53 38.41
C TRP E 176 5.93 -6.02 38.61
N PHE E 177 5.16 -5.58 39.62
CA PHE E 177 5.06 -4.18 40.02
C PHE E 177 5.62 -3.99 41.42
N LEU E 178 6.12 -2.79 41.68
CA LEU E 178 6.60 -2.41 43.00
C LEU E 178 5.87 -1.16 43.46
N GLN E 179 5.39 -1.17 44.70
CA GLN E 179 4.72 -0.02 45.30
C GLN E 179 5.54 0.40 46.52
N ARG E 180 6.17 1.57 46.43
CA ARG E 180 6.87 2.14 47.55
C ARG E 180 5.87 2.72 48.55
N PRO E 181 6.25 2.84 49.82
CA PRO E 181 5.32 3.40 50.82
C PRO E 181 4.91 4.81 50.46
N GLY E 182 3.61 5.02 50.34
CA GLY E 182 3.07 6.33 50.02
C GLY E 182 3.14 6.73 48.56
N GLN E 183 3.37 5.79 47.66
CA GLN E 183 3.48 6.09 46.24
C GLN E 183 2.69 5.08 45.41
N SER E 184 2.36 5.49 44.19
CA SER E 184 1.65 4.61 43.28
C SER E 184 2.56 3.47 42.82
N PRO E 185 1.98 2.33 42.45
CA PRO E 185 2.80 1.20 42.00
C PRO E 185 3.59 1.54 40.74
N GLN E 186 4.78 0.96 40.64
CA GLN E 186 5.68 1.20 39.52
C GLN E 186 6.02 -0.12 38.88
N LEU E 187 5.90 -0.19 37.55
CA LEU E 187 6.16 -1.43 36.83
C LEU E 187 7.65 -1.75 36.87
N LEU E 188 7.98 -3.02 37.14
CA LEU E 188 9.34 -3.51 37.10
C LEU E 188 9.58 -4.47 35.94
N ILE E 189 8.76 -5.50 35.82
CA ILE E 189 8.98 -6.57 34.85
C ILE E 189 7.70 -6.78 34.05
N TYR E 190 7.83 -6.93 32.74
CA TYR E 190 6.71 -7.30 31.89
C TYR E 190 7.07 -8.54 31.09
N ARG E 191 6.09 -9.44 30.93
CA ARG E 191 6.27 -10.73 30.26
C ARG E 191 7.32 -11.60 30.96
N MET E 192 7.50 -11.39 32.26
CA MET E 192 8.22 -12.28 33.16
C MET E 192 9.74 -12.23 32.95
N SER E 193 10.20 -11.59 31.88
CA SER E 193 11.63 -11.58 31.61
C SER E 193 12.16 -10.27 31.07
N ASN E 194 11.34 -9.23 30.94
CA ASN E 194 11.76 -7.97 30.33
C ASN E 194 11.78 -6.87 31.37
N LEU E 195 12.92 -6.17 31.46
CA LEU E 195 13.06 -5.06 32.38
C LEU E 195 12.40 -3.82 31.79
N ALA E 196 11.63 -3.10 32.61
CA ALA E 196 10.96 -1.90 32.14
C ALA E 196 11.98 -0.79 31.88
N SER E 197 11.48 0.33 31.37
CA SER E 197 12.33 1.47 31.06
C SER E 197 12.63 2.26 32.32
N GLY E 198 13.92 2.41 32.63
CA GLY E 198 14.35 3.14 33.81
C GLY E 198 14.52 2.29 35.06
N VAL E 199 14.11 1.04 35.02
CA VAL E 199 14.28 0.14 36.17
C VAL E 199 15.75 -0.25 36.27
N PRO E 200 16.36 -0.21 37.46
CA PRO E 200 17.78 -0.57 37.57
C PRO E 200 18.06 -1.99 37.14
N ASP E 201 19.28 -2.21 36.64
CA ASP E 201 19.67 -3.49 36.08
C ASP E 201 19.57 -4.61 37.13
N ARG E 202 19.81 -4.27 38.40
CA ARG E 202 19.89 -5.29 39.44
C ARG E 202 18.62 -6.12 39.57
N PHE E 203 17.48 -5.60 39.15
CA PHE E 203 16.25 -6.39 39.17
C PHE E 203 16.27 -7.41 38.03
N SER E 204 15.76 -8.61 38.32
CA SER E 204 15.69 -9.65 37.30
C SER E 204 14.44 -10.49 37.54
N GLY E 205 13.95 -11.11 36.47
CA GLY E 205 12.77 -11.96 36.58
C GLY E 205 12.89 -13.22 35.77
N SER E 206 12.39 -14.34 36.30
CA SER E 206 12.46 -15.61 35.61
C SER E 206 11.31 -16.48 36.07
N GLY E 207 11.22 -17.68 35.53
CA GLY E 207 10.21 -18.62 35.94
C GLY E 207 9.81 -19.52 34.79
N SER E 208 8.76 -20.29 35.02
CA SER E 208 8.26 -21.24 34.03
C SER E 208 6.81 -21.55 34.31
N GLY E 209 5.93 -21.19 33.38
CA GLY E 209 4.61 -21.79 33.30
C GLY E 209 3.71 -21.42 34.46
N THR E 210 4.07 -21.93 35.64
CA THR E 210 3.28 -21.78 36.85
C THR E 210 4.05 -21.14 38.00
N ALA E 211 5.36 -21.31 38.08
CA ALA E 211 6.14 -20.78 39.19
C ALA E 211 7.10 -19.71 38.66
N PHE E 212 7.05 -18.53 39.27
CA PHE E 212 7.85 -17.40 38.81
C PHE E 212 8.59 -16.78 39.99
N THR E 213 9.76 -16.21 39.69
CA THR E 213 10.62 -15.62 40.71
C THR E 213 11.13 -14.26 40.23
N LEU E 214 11.26 -13.34 41.19
CA LEU E 214 11.88 -12.04 41.00
C LEU E 214 13.10 -11.95 41.91
N THR E 215 14.23 -11.55 41.35
CA THR E 215 15.49 -11.53 42.06
C THR E 215 16.04 -10.11 42.13
N ILE E 216 16.47 -9.71 43.32
CA ILE E 216 17.15 -8.43 43.54
C ILE E 216 18.57 -8.76 43.99
N SER E 217 19.57 -8.25 43.26
CA SER E 217 20.95 -8.64 43.50
C SER E 217 21.55 -7.93 44.71
N ARG E 218 21.64 -6.60 44.65
CA ARG E 218 22.21 -5.79 45.72
C ARG E 218 21.26 -4.62 45.97
N LEU E 219 20.31 -4.84 46.88
CA LEU E 219 19.26 -3.87 47.10
C LEU E 219 19.79 -2.64 47.85
N GLU E 220 19.05 -1.56 47.75
CA GLU E 220 19.31 -0.32 48.48
C GLU E 220 18.08 0.04 49.30
N ALA E 221 18.14 1.20 49.96
CA ALA E 221 17.02 1.64 50.79
C ALA E 221 15.80 2.04 49.96
N GLU E 222 15.94 2.16 48.64
CA GLU E 222 14.85 2.57 47.77
C GLU E 222 14.02 1.39 47.27
N ASP E 223 14.42 0.16 47.59
CA ASP E 223 13.72 -1.04 47.11
C ASP E 223 12.71 -1.58 48.11
N VAL E 224 12.54 -0.93 49.25
CA VAL E 224 11.59 -1.39 50.26
C VAL E 224 10.17 -1.03 49.81
N GLY E 225 9.24 -1.93 50.04
CA GLY E 225 7.88 -1.72 49.61
C GLY E 225 7.19 -3.06 49.35
N VAL E 226 6.08 -3.00 48.61
CA VAL E 226 5.24 -4.16 48.36
C VAL E 226 5.39 -4.56 46.90
N TYR E 227 5.67 -5.84 46.67
CA TYR E 227 5.85 -6.38 45.32
C TYR E 227 4.62 -7.19 44.92
N TYR E 228 4.08 -6.91 43.74
CA TYR E 228 2.88 -7.58 43.26
C TYR E 228 3.17 -8.27 41.93
N CYS E 229 2.63 -9.47 41.79
CA CYS E 229 2.59 -10.15 40.50
C CYS E 229 1.19 -10.02 39.90
N MET E 230 1.11 -10.05 38.58
CA MET E 230 -0.15 -9.87 37.89
C MET E 230 -0.14 -10.69 36.61
N GLN E 231 -1.29 -11.26 36.27
CA GLN E 231 -1.45 -12.03 35.05
C GLN E 231 -2.18 -11.20 34.00
N HIS E 232 -1.81 -11.40 32.73
CA HIS E 232 -2.46 -10.72 31.63
C HIS E 232 -2.88 -11.71 30.54
N LEU E 233 -3.13 -12.95 30.93
CA LEU E 233 -3.54 -13.98 29.98
C LEU E 233 -5.06 -13.96 29.78
N GLU E 234 -5.81 -14.16 30.85
CA GLU E 234 -7.26 -14.02 30.84
C GLU E 234 -7.62 -12.69 31.48
N TYR E 235 -8.58 -11.99 30.87
CA TYR E 235 -8.71 -10.56 31.13
C TYR E 235 -9.19 -10.19 32.54
N PRO E 236 -9.91 -11.06 33.30
CA PRO E 236 -10.22 -10.73 34.70
C PRO E 236 -9.05 -10.13 35.48
N LEU E 237 -7.81 -10.45 35.10
CA LEU E 237 -6.61 -9.72 35.53
C LEU E 237 -6.47 -9.70 37.05
N THR E 238 -6.29 -10.90 37.61
CA THR E 238 -6.09 -11.03 39.03
C THR E 238 -4.68 -10.59 39.42
N PHE E 239 -4.54 -10.18 40.69
CA PHE E 239 -3.27 -9.68 41.21
C PHE E 239 -2.68 -10.61 42.28
N GLY E 240 -3.42 -10.87 43.35
CA GLY E 240 -2.86 -11.58 44.48
C GLY E 240 -2.06 -10.66 45.38
N ALA E 241 -2.21 -10.83 46.69
CA ALA E 241 -1.56 -9.93 47.63
C ALA E 241 -0.05 -9.99 47.49
N GLY E 242 0.60 -8.84 47.64
CA GLY E 242 2.02 -8.73 47.41
C GLY E 242 2.86 -9.18 48.59
N THR E 243 4.16 -9.03 48.42
CA THR E 243 5.15 -9.38 49.45
C THR E 243 5.81 -8.10 49.94
N LYS E 244 5.88 -7.94 51.25
CA LYS E 244 6.45 -6.75 51.86
C LYS E 244 7.94 -6.93 52.10
N LEU E 245 8.71 -5.89 51.78
CA LEU E 245 10.15 -5.85 52.03
C LEU E 245 10.46 -4.59 52.82
N GLU E 246 10.99 -4.81 54.03
CA GLU E 246 11.36 -3.69 54.92
C GLU E 246 12.72 -3.96 55.55
N LEU E 247 13.22 -3.03 56.35
CA LEU E 247 14.56 -3.11 56.96
C LEU E 247 15.65 -3.02 55.90
#